data_7TRY
#
_entry.id   7TRY
#
_cell.length_a   1.00
_cell.length_b   1.00
_cell.length_c   1.00
_cell.angle_alpha   90.00
_cell.angle_beta   90.00
_cell.angle_gamma   90.00
#
_symmetry.space_group_name_H-M   'P 1'
#
loop_
_entity.id
_entity.type
_entity.pdbx_description
1 polymer 'Corticotropin-releasing factor receptor 2'
2 polymer Urocortin
3 polymer 'Guanine nucleotide-binding protein subunit alpha-11'
4 polymer 'Guanine nucleotide-binding protein G(I)/G(S)/G(T) subunit beta-1'
5 polymer 'G protein gamma subunit'
6 polymer scFV16
#
loop_
_entity_poly.entity_id
_entity_poly.type
_entity_poly.pdbx_seq_one_letter_code
_entity_poly.pdbx_strand_id
1 'polypeptide(L)'
;DAALLHSLLEANCSLALAEELLLDGWGPPLDPEGPYSYCNTTLDQIGTCWPRSAAGALVERPCPEYFNGVKYNTTRNAYR
ECLENGTWASKINYSQCEPILDDKQRKYDLHYRIALVVNYLGHCVSVAALVAAFLLFLALRSIRCLRNVIHWNLITTFIL
RNVMWFLLQLVDHEVHESNEVWCRCITTIFNYFVVTNFFWMFVEGCYLHTAIVMTYSTERLRKCLFLFIGWCIPFPIIVA
WAIGKLYYENEQCWFGKEPGDLVDYIYQGPIILVLLINFVFLFNIVRILMTKLRASTTSETIQYRKAVKATLVLLPLLGI
TYMLFFVNPGEDDLSQIMFIYFNSFLQSFQGFFVSVFYCFFNGEVRSAVRKRWHRWQDHHSLRVPMAGSSGGGGSGGGGS
SGVFTLEDFVGDWEQTAAYNLDQVLEQGGVSSLLQNLAVSVTPIQRIVRSGENALKIDIHVIIPYEGLSADQMAQIEEVF
KVVYPVDDHHFKVILPYGTLVIDGVTPNMLNYFGRPYEGIAVFDGKKITVTGTLWNGNKIIDERLITPDGSMLFRVTINS
;
P
2 'polypeptide(L)' DNPSLSIDLTFHLLRTLLELARTQSQRERAEQNRIIFDSV U
3 'polypeptide(L)'
;MGCTLSAEDKAAVERSKMIEKQLRRDKRDARRELKLLLLGTGESGKSTFIKQMRIIHGAGYSEEDKRGFTKLVYQNIFTA
MQAMIRAMETLKILYKYEQNKANALLIREVDVEKVTTFEHQYVSAIKTLWEDPGIQECYDRRREYQLSDSAKYYLTDVDR
IATLGYLPTQQDVLRVRVPTTGIIEYPFDLENIIFRMVDVGAQRSERRKWIHCFENVTSIMFLVALSEYDQVLVESDNEN
RMEESKALFRTIITYPWFQNSSVILFLNKKDLLEDKILYSHLVDYFPEFDGPQRDAQAAREFILKMFVDLNPDSDKIIYS
HFTCSTDTENIRFVFAAVKDTILQLNLKEYNLV
;
A
4 'polypeptide(L)'
;MHHHHHHSSGLVPRGSHMASHHHHHHHHHHGSLLQSELDQLRQEAEQLKNQIRDARKACADATLSQITNNIDPVGRIQMR
TRRTLRGHLAKIYAMHWGTDSRLLVSASQDGKLIIWDSYTTNKVHAIPLRSSWVMTCAYAPSGNYVACGGLDNICSIYNL
KTREGNVRVSRELAGHTGYLSCCRFLDDNQIVTSSGDTTCALWDIETGQQTTTFTGHTGDVMSLSLAPDTRLFVSGACDA
SAKLWDVREGMCRQTFTGHESDINAICFFPNGNAFATGSDDATCRLFDLRADQELMTYSHDNIICGITSVSFSKSGRLLL
AGYDDFNCNVWDALKADRAGVLAGHDNRVSCLGVTDDGMAVATGSWDSFLKIWNGSSGGGGSGGGGSSGVSGWRLFKKIS
;
B
5 'polypeptide(L)' MASNNTASIAQARKLVEQLKMEANIDRIKVSKAAADLMAYCEAHAKEDPLLTPVPASENPFREKKFFCAIL G
6 'polypeptide(L)'
;VQLVESGGGLVQPGGSRKLSCSASGFAFSSFGMHWVRQAPEKGLEWVAYISSGSGTIYYADTVKGRFTISRDDPKNTLFL
QMTSLRSEDTAMYYCVRSIYYYGSSPFDFWGQGTTLTVSAGGGGSGGGGSGGGGSADIVMTQATSSVPVTPGESVSISCR
SSKSLLHSNGNTYLYWFLQRPGQSPQLLIYRMSNLASGVPDRFSGSGSGTAFTLTISRLEAEDVGVYYCMQHLEYPLTFG
AGTKLEL
;
H
#
# COMPACT_ATOMS: atom_id res chain seq x y z
N ASN A 40 56.45 -4.58 -78.22
CA ASN A 40 55.08 -5.07 -78.32
C ASN A 40 54.14 -4.28 -77.41
N THR A 41 52.85 -4.30 -77.73
CA THR A 41 51.86 -3.56 -76.97
C THR A 41 51.24 -4.47 -75.91
N THR A 42 51.26 -4.02 -74.66
CA THR A 42 50.69 -4.77 -73.54
C THR A 42 49.84 -3.83 -72.70
N LEU A 43 49.15 -4.40 -71.72
CA LEU A 43 48.35 -3.64 -70.79
C LEU A 43 49.20 -3.15 -69.63
N ASP A 44 48.84 -1.99 -69.09
CA ASP A 44 49.49 -1.43 -67.92
C ASP A 44 48.82 -1.96 -66.66
N GLN A 45 49.15 -1.37 -65.51
CA GLN A 45 48.63 -1.81 -64.21
C GLN A 45 47.14 -1.54 -64.06
N ILE A 46 46.55 -0.68 -64.90
CA ILE A 46 45.13 -0.34 -64.81
C ILE A 46 44.36 -1.22 -65.79
N GLY A 47 44.99 -1.58 -66.91
CA GLY A 47 44.30 -2.32 -67.95
C GLY A 47 44.20 -1.57 -69.26
N THR A 48 44.96 -0.49 -69.40
CA THR A 48 44.94 0.32 -70.60
C THR A 48 46.06 -0.10 -71.55
N CYS A 49 45.73 -0.22 -72.83
CA CYS A 49 46.70 -0.54 -73.86
C CYS A 49 47.34 0.74 -74.40
N TRP A 50 48.66 0.80 -74.37
CA TRP A 50 49.41 1.95 -74.79
C TRP A 50 49.90 1.78 -76.22
N PRO A 51 50.21 2.87 -76.94
CA PRO A 51 50.76 2.73 -78.29
C PRO A 51 52.25 2.45 -78.26
N ARG A 52 52.73 1.91 -79.38
CA ARG A 52 54.17 1.83 -79.63
C ARG A 52 54.57 2.72 -80.80
N GLU A 60 50.03 8.18 -75.27
CA GLU A 60 49.28 9.15 -74.49
C GLU A 60 47.89 8.62 -74.15
N ARG A 61 47.59 8.53 -72.85
CA ARG A 61 46.35 7.97 -72.35
C ARG A 61 45.92 8.78 -71.13
N PRO A 62 44.60 8.91 -70.89
CA PRO A 62 44.13 9.62 -69.69
C PRO A 62 44.45 8.88 -68.41
N CYS A 63 44.56 9.65 -67.32
CA CYS A 63 44.72 9.09 -65.99
C CYS A 63 43.46 8.30 -65.61
N PRO A 64 43.59 7.29 -64.73
CA PRO A 64 42.40 6.55 -64.29
C PRO A 64 41.48 7.40 -63.42
N GLU A 65 40.20 7.03 -63.42
CA GLU A 65 39.22 7.74 -62.61
C GLU A 65 39.46 7.52 -61.11
N TYR A 66 39.70 6.28 -60.71
CA TYR A 66 39.90 5.97 -59.30
C TYR A 66 41.14 5.08 -59.14
N PHE A 67 41.82 5.27 -58.01
CA PHE A 67 42.89 4.36 -57.60
C PHE A 67 42.88 4.30 -56.08
N ASN A 68 42.58 3.12 -55.54
CA ASN A 68 42.42 2.86 -54.10
C ASN A 68 41.39 3.79 -53.45
N GLY A 69 40.31 4.07 -54.18
CA GLY A 69 39.23 4.88 -53.67
C GLY A 69 39.36 6.38 -53.86
N VAL A 70 40.53 6.86 -54.26
CA VAL A 70 40.77 8.30 -54.41
C VAL A 70 40.38 8.72 -55.82
N LYS A 71 39.62 9.81 -55.92
CA LYS A 71 39.20 10.32 -57.22
C LYS A 71 40.32 11.15 -57.83
N TYR A 72 40.39 11.14 -59.17
CA TYR A 72 41.40 11.85 -59.92
C TYR A 72 40.73 12.76 -60.95
N ASN A 73 41.47 13.78 -61.37
CA ASN A 73 41.04 14.65 -62.46
C ASN A 73 41.54 14.07 -63.77
N THR A 74 40.62 13.52 -64.57
CA THR A 74 40.97 12.79 -65.78
C THR A 74 41.16 13.70 -67.00
N THR A 75 41.17 15.02 -66.80
CA THR A 75 41.42 15.96 -67.90
C THR A 75 42.80 15.79 -68.51
N ARG A 76 43.81 15.54 -67.67
CA ARG A 76 45.19 15.47 -68.15
C ARG A 76 45.54 14.03 -68.53
N ASN A 77 46.48 13.91 -69.46
CA ASN A 77 46.91 12.62 -69.98
C ASN A 77 48.25 12.20 -69.37
N ALA A 78 48.41 10.89 -69.19
CA ALA A 78 49.69 10.32 -68.85
C ALA A 78 50.48 9.97 -70.11
N TYR A 79 51.79 9.79 -69.95
CA TYR A 79 52.70 9.53 -71.05
C TYR A 79 53.55 8.31 -70.74
N ARG A 80 53.85 7.53 -71.76
CA ARG A 80 54.70 6.36 -71.64
C ARG A 80 56.08 6.66 -72.20
N GLU A 81 57.12 6.33 -71.43
CA GLU A 81 58.49 6.54 -71.88
C GLU A 81 58.93 5.40 -72.78
N CYS A 82 59.82 5.72 -73.72
CA CYS A 82 60.38 4.75 -74.64
C CYS A 82 61.90 4.77 -74.56
N LEU A 83 62.52 3.66 -74.96
CA LEU A 83 63.96 3.53 -74.92
C LEU A 83 64.61 4.26 -76.10
N THR A 87 60.87 0.27 -78.68
CA THR A 87 60.85 -0.56 -77.49
C THR A 87 60.47 0.28 -76.27
N TRP A 88 59.54 -0.22 -75.46
CA TRP A 88 59.04 0.52 -74.32
C TRP A 88 60.07 0.52 -73.19
N ALA A 89 60.10 1.63 -72.45
CA ALA A 89 60.82 1.67 -71.18
C ALA A 89 59.93 1.24 -70.03
N SER A 90 60.57 0.84 -68.93
CA SER A 90 59.85 0.42 -67.74
C SER A 90 59.20 1.58 -67.00
N LYS A 91 59.62 2.81 -67.26
CA LYS A 91 59.14 3.97 -66.54
C LYS A 91 57.87 4.50 -67.19
N ILE A 92 56.84 4.71 -66.38
CA ILE A 92 55.60 5.36 -66.82
C ILE A 92 55.50 6.71 -66.12
N ASN A 93 55.24 7.76 -66.90
CA ASN A 93 55.23 9.12 -66.39
C ASN A 93 53.87 9.39 -65.77
N TYR A 94 53.82 9.43 -64.44
CA TYR A 94 52.58 9.66 -63.70
C TYR A 94 52.52 11.07 -63.13
N SER A 95 53.39 11.98 -63.58
CA SER A 95 53.47 13.34 -63.05
C SER A 95 52.22 14.16 -63.33
N GLN A 96 51.41 13.79 -64.33
CA GLN A 96 50.17 14.50 -64.61
C GLN A 96 49.01 14.03 -63.75
N CYS A 97 49.10 12.83 -63.17
CA CYS A 97 47.96 12.21 -62.49
C CYS A 97 47.93 12.67 -61.03
N GLU A 98 47.63 13.96 -60.86
CA GLU A 98 47.57 14.55 -59.54
C GLU A 98 46.25 14.20 -58.85
N PRO A 99 46.29 13.68 -57.62
CA PRO A 99 45.05 13.41 -56.90
C PRO A 99 44.34 14.70 -56.49
N ILE A 100 43.01 14.62 -56.42
CA ILE A 100 42.17 15.74 -56.06
C ILE A 100 41.59 15.49 -54.68
N LEU A 101 41.76 16.45 -53.77
CA LEU A 101 41.17 16.36 -52.45
C LEU A 101 40.07 17.42 -52.27
N GLN A 105 37.33 23.35 -48.81
CA GLN A 105 36.11 23.72 -48.11
C GLN A 105 35.92 22.88 -46.86
N ARG A 106 36.38 23.40 -45.72
CA ARG A 106 36.45 22.64 -44.48
C ARG A 106 36.00 23.52 -43.33
N LYS A 107 35.55 22.88 -42.26
CA LYS A 107 35.29 23.55 -40.98
C LYS A 107 36.40 23.21 -39.98
N TYR A 108 36.42 23.98 -38.89
CA TYR A 108 37.45 23.83 -37.86
C TYR A 108 37.31 22.48 -37.17
N ASP A 109 38.34 21.63 -37.30
CA ASP A 109 38.28 20.28 -36.75
C ASP A 109 38.51 20.28 -35.24
N LEU A 110 39.42 21.15 -34.76
CA LEU A 110 39.76 21.25 -33.35
C LEU A 110 38.54 21.54 -32.48
N HIS A 111 37.65 22.42 -32.93
CA HIS A 111 36.48 22.76 -32.13
C HIS A 111 35.50 21.60 -32.05
N TYR A 112 35.45 20.78 -33.10
CA TYR A 112 34.59 19.61 -33.09
C TYR A 112 35.17 18.50 -32.22
N ARG A 113 36.49 18.36 -32.19
CA ARG A 113 37.12 17.45 -31.23
C ARG A 113 36.91 17.91 -29.79
N ILE A 114 36.95 19.23 -29.54
CA ILE A 114 36.66 19.74 -28.21
C ILE A 114 35.21 19.45 -27.81
N ALA A 115 34.27 19.69 -28.73
CA ALA A 115 32.87 19.34 -28.51
C ALA A 115 32.66 17.86 -28.24
N LEU A 116 33.40 17.01 -28.97
CA LEU A 116 33.34 15.57 -28.73
C LEU A 116 33.84 15.19 -27.34
N VAL A 117 34.97 15.77 -26.91
CA VAL A 117 35.49 15.50 -25.57
C VAL A 117 34.53 15.99 -24.49
N VAL A 118 33.94 17.17 -24.69
CA VAL A 118 32.93 17.71 -23.76
C VAL A 118 31.72 16.80 -23.67
N ASN A 119 31.25 16.29 -24.83
CA ASN A 119 30.14 15.34 -24.84
C ASN A 119 30.50 14.04 -24.13
N TYR A 120 31.73 13.54 -24.34
CA TYR A 120 32.19 12.34 -23.65
C TYR A 120 32.16 12.52 -22.14
N LEU A 121 32.71 13.64 -21.66
CA LEU A 121 32.74 13.89 -20.20
C LEU A 121 31.34 14.08 -19.63
N GLY A 122 30.48 14.84 -20.32
CA GLY A 122 29.13 15.08 -19.85
C GLY A 122 28.28 13.82 -19.81
N HIS A 123 28.29 13.05 -20.90
CA HIS A 123 27.52 11.81 -20.96
C HIS A 123 28.06 10.75 -20.02
N CYS A 124 29.38 10.69 -19.80
CA CYS A 124 29.93 9.73 -18.86
C CYS A 124 29.52 10.05 -17.42
N VAL A 125 29.60 11.33 -17.03
CA VAL A 125 29.21 11.67 -15.66
C VAL A 125 27.69 11.58 -15.51
N SER A 126 26.96 11.81 -16.61
CA SER A 126 25.52 11.62 -16.60
C SER A 126 25.16 10.15 -16.44
N VAL A 127 25.90 9.26 -17.12
CA VAL A 127 25.71 7.81 -16.97
C VAL A 127 25.96 7.38 -15.53
N ALA A 128 27.03 7.90 -14.92
CA ALA A 128 27.35 7.61 -13.52
C ALA A 128 26.22 8.03 -12.59
N ALA A 129 25.69 9.24 -12.80
CA ALA A 129 24.60 9.75 -11.97
C ALA A 129 23.31 8.99 -12.20
N LEU A 130 23.02 8.63 -13.46
CA LEU A 130 21.81 7.89 -13.78
C LEU A 130 21.85 6.47 -13.23
N VAL A 131 23.02 5.82 -13.26
CA VAL A 131 23.17 4.50 -12.65
C VAL A 131 22.97 4.57 -11.14
N ALA A 132 23.55 5.59 -10.51
CA ALA A 132 23.37 5.81 -9.07
C ALA A 132 21.90 6.03 -8.72
N ALA A 133 21.22 6.89 -9.49
CA ALA A 133 19.81 7.17 -9.25
C ALA A 133 18.94 5.94 -9.51
N PHE A 134 19.23 5.17 -10.57
CA PHE A 134 18.53 3.92 -10.86
C PHE A 134 18.62 2.94 -9.71
N LEU A 135 19.84 2.76 -9.18
CA LEU A 135 20.04 1.86 -8.04
C LEU A 135 19.30 2.38 -6.80
N LEU A 136 19.28 3.70 -6.61
CA LEU A 136 18.54 4.28 -5.51
C LEU A 136 17.03 4.06 -5.66
N PHE A 137 16.52 4.16 -6.89
CA PHE A 137 15.09 3.89 -7.14
C PHE A 137 14.73 2.43 -6.97
N LEU A 138 15.68 1.51 -7.23
CA LEU A 138 15.37 0.10 -7.02
C LEU A 138 15.57 -0.34 -5.57
N ALA A 139 16.52 0.24 -4.84
CA ALA A 139 16.75 -0.18 -3.47
C ALA A 139 15.70 0.36 -2.50
N LEU A 140 15.13 1.52 -2.77
CA LEU A 140 14.18 2.16 -1.85
C LEU A 140 12.74 1.85 -2.25
N ARG A 141 12.16 0.84 -1.61
CA ARG A 141 10.85 0.31 -2.01
C ARG A 141 9.69 1.15 -1.49
N SER A 142 9.95 2.20 -0.71
CA SER A 142 8.93 3.13 -0.27
C SER A 142 8.59 4.19 -1.31
N ILE A 143 9.37 4.29 -2.38
CA ILE A 143 9.20 5.30 -3.40
C ILE A 143 8.27 4.71 -4.45
N ARG A 144 6.98 5.09 -4.40
CA ARG A 144 5.94 4.43 -5.18
C ARG A 144 5.05 5.35 -5.99
N CYS A 145 4.97 6.64 -5.66
CA CYS A 145 3.98 7.56 -6.21
C CYS A 145 4.18 7.78 -7.70
N LEU A 146 3.08 8.21 -8.36
CA LEU A 146 3.02 8.37 -9.81
C LEU A 146 4.09 9.30 -10.34
N ARG A 147 4.32 10.42 -9.64
CA ARG A 147 5.39 11.36 -9.97
C ARG A 147 6.74 10.68 -10.06
N ASN A 148 7.05 9.85 -9.07
CA ASN A 148 8.32 9.15 -9.03
C ASN A 148 8.39 8.03 -10.06
N VAL A 149 7.25 7.43 -10.40
CA VAL A 149 7.20 6.44 -11.48
C VAL A 149 7.55 7.10 -12.81
N ILE A 150 6.98 8.28 -13.07
CA ILE A 150 7.27 9.04 -14.29
C ILE A 150 8.75 9.44 -14.31
N HIS A 151 9.28 9.92 -13.18
CA HIS A 151 10.69 10.28 -13.11
C HIS A 151 11.60 9.07 -13.29
N TRP A 152 11.22 7.91 -12.75
CA TRP A 152 11.97 6.67 -12.96
C TRP A 152 12.00 6.27 -14.43
N ASN A 153 10.86 6.42 -15.12
CA ASN A 153 10.83 6.10 -16.55
C ASN A 153 11.65 7.10 -17.36
N LEU A 154 11.68 8.36 -16.90
CA LEU A 154 12.56 9.37 -17.50
C LEU A 154 14.03 8.98 -17.35
N ILE A 155 14.42 8.55 -16.14
CA ILE A 155 15.79 8.09 -15.88
C ILE A 155 16.13 6.92 -16.78
N THR A 156 15.22 5.94 -16.87
CA THR A 156 15.39 4.76 -17.71
C THR A 156 15.67 5.15 -19.16
N THR A 157 14.88 6.11 -19.68
CA THR A 157 15.05 6.56 -21.06
C THR A 157 16.36 7.34 -21.25
N PHE A 158 16.78 8.12 -20.25
CA PHE A 158 18.06 8.83 -20.33
C PHE A 158 19.23 7.86 -20.37
N ILE A 159 19.20 6.85 -19.51
CA ILE A 159 20.29 5.88 -19.47
C ILE A 159 20.30 5.01 -20.71
N LEU A 160 19.12 4.69 -21.27
CA LEU A 160 19.07 3.89 -22.49
C LEU A 160 19.61 4.68 -23.69
N ARG A 161 19.26 5.98 -23.80
CA ARG A 161 19.80 6.76 -24.91
C ARG A 161 21.28 7.06 -24.72
N ASN A 162 21.77 7.12 -23.48
CA ASN A 162 23.19 7.31 -23.25
C ASN A 162 23.98 6.04 -23.60
N VAL A 163 23.41 4.86 -23.29
CA VAL A 163 24.03 3.60 -23.67
C VAL A 163 24.07 3.45 -25.20
N MET A 164 22.98 3.82 -25.88
CA MET A 164 22.99 3.82 -27.35
C MET A 164 24.01 4.80 -27.91
N TRP A 165 24.12 5.98 -27.28
CA TRP A 165 25.13 6.97 -27.67
C TRP A 165 26.54 6.40 -27.59
N PHE A 166 26.84 5.69 -26.49
CA PHE A 166 28.12 5.01 -26.34
C PHE A 166 28.31 3.94 -27.40
N LEU A 167 27.25 3.18 -27.70
CA LEU A 167 27.31 2.10 -28.69
C LEU A 167 27.54 2.61 -30.10
N LEU A 168 27.13 3.83 -30.41
CA LEU A 168 27.26 4.38 -31.76
C LEU A 168 28.55 5.19 -31.95
N GLN A 169 29.51 5.11 -31.01
CA GLN A 169 30.74 5.87 -31.20
C GLN A 169 31.74 5.18 -32.12
N LEU A 170 31.74 3.85 -32.19
CA LEU A 170 32.75 3.12 -32.97
C LEU A 170 32.29 2.95 -34.43
N VAL A 171 32.15 4.09 -35.13
CA VAL A 171 31.67 4.11 -36.50
C VAL A 171 32.69 4.86 -37.36
N ASP A 172 33.16 4.23 -38.43
CA ASP A 172 34.03 4.87 -39.39
C ASP A 172 33.25 5.20 -40.67
N HIS A 173 33.97 5.77 -41.66
CA HIS A 173 33.34 6.20 -42.90
C HIS A 173 32.82 5.03 -43.73
N GLU A 174 33.44 3.85 -43.58
CA GLU A 174 33.01 2.67 -44.33
C GLU A 174 31.66 2.18 -43.84
N VAL A 175 31.42 2.24 -42.53
CA VAL A 175 30.11 1.92 -41.98
C VAL A 175 29.05 2.89 -42.47
N HIS A 176 29.41 4.17 -42.60
CA HIS A 176 28.51 5.17 -43.16
C HIS A 176 28.15 4.85 -44.61
N GLU A 177 29.17 4.60 -45.45
CA GLU A 177 28.97 4.39 -46.87
C GLU A 177 28.20 3.11 -47.17
N SER A 178 28.48 2.05 -46.42
CA SER A 178 27.83 0.75 -46.62
C SER A 178 26.64 0.63 -45.68
N ASN A 179 25.43 0.60 -46.24
CA ASN A 179 24.19 0.58 -45.47
C ASN A 179 23.96 -0.82 -44.90
N GLU A 180 24.77 -1.17 -43.91
CA GLU A 180 24.68 -2.47 -43.25
C GLU A 180 23.48 -2.51 -42.31
N VAL A 181 23.00 -3.73 -42.07
CA VAL A 181 21.79 -3.96 -41.27
C VAL A 181 21.97 -3.46 -39.83
N TRP A 182 23.11 -3.82 -39.21
CA TRP A 182 23.36 -3.45 -37.81
C TRP A 182 23.46 -1.94 -37.63
N CYS A 183 23.97 -1.21 -38.63
CA CYS A 183 24.13 0.23 -38.52
C CYS A 183 22.77 0.92 -38.51
N ARG A 184 21.91 0.56 -39.46
CA ARG A 184 20.57 1.15 -39.51
C ARG A 184 19.70 0.68 -38.36
N CYS A 185 19.96 -0.52 -37.83
CA CYS A 185 19.25 -0.97 -36.64
C CYS A 185 19.64 -0.16 -35.41
N ILE A 186 20.95 0.10 -35.24
CA ILE A 186 21.42 0.96 -34.16
C ILE A 186 20.86 2.37 -34.28
N THR A 187 20.84 2.91 -35.52
CA THR A 187 20.27 4.23 -35.78
C THR A 187 18.79 4.30 -35.42
N THR A 188 18.03 3.29 -35.86
CA THR A 188 16.59 3.24 -35.60
C THR A 188 16.31 3.11 -34.11
N ILE A 189 17.05 2.24 -33.41
CA ILE A 189 16.86 2.05 -31.97
C ILE A 189 17.21 3.33 -31.21
N PHE A 190 18.31 4.00 -31.58
CA PHE A 190 18.68 5.27 -30.97
C PHE A 190 17.60 6.33 -31.16
N ASN A 191 17.12 6.49 -32.41
CA ASN A 191 16.05 7.45 -32.68
C ASN A 191 14.77 7.11 -31.93
N TYR A 192 14.49 5.81 -31.79
CA TYR A 192 13.37 5.33 -30.98
C TYR A 192 13.49 5.78 -29.53
N PHE A 193 14.67 5.57 -28.91
CA PHE A 193 14.87 6.00 -27.53
C PHE A 193 14.83 7.53 -27.40
N VAL A 194 15.25 8.25 -28.43
CA VAL A 194 15.19 9.72 -28.42
C VAL A 194 13.74 10.20 -28.43
N VAL A 195 12.93 9.68 -29.37
CA VAL A 195 11.54 10.09 -29.45
C VAL A 195 10.75 9.58 -28.25
N THR A 196 11.16 8.44 -27.68
CA THR A 196 10.53 7.93 -26.47
C THR A 196 10.81 8.84 -25.27
N ASN A 197 12.06 9.28 -25.13
CA ASN A 197 12.42 10.26 -24.10
C ASN A 197 11.64 11.56 -24.27
N PHE A 198 11.47 12.02 -25.50
CA PHE A 198 10.69 13.22 -25.75
C PHE A 198 9.22 13.02 -25.38
N PHE A 199 8.66 11.85 -25.69
CA PHE A 199 7.29 11.54 -25.27
C PHE A 199 7.16 11.43 -23.75
N TRP A 200 8.19 10.93 -23.05
CA TRP A 200 8.12 10.92 -21.59
C TRP A 200 8.26 12.32 -21.00
N MET A 201 9.00 13.21 -21.66
CA MET A 201 8.99 14.60 -21.22
C MET A 201 7.68 15.30 -21.55
N PHE A 202 6.98 14.88 -22.61
CA PHE A 202 5.60 15.30 -22.82
C PHE A 202 4.68 14.85 -21.69
N VAL A 203 4.81 13.60 -21.26
CA VAL A 203 4.07 13.07 -20.10
C VAL A 203 4.37 13.89 -18.84
N GLU A 204 5.65 14.19 -18.60
CA GLU A 204 6.03 15.01 -17.45
C GLU A 204 5.46 16.43 -17.54
N GLY A 205 5.46 17.00 -18.74
CA GLY A 205 4.85 18.32 -18.95
C GLY A 205 3.36 18.33 -18.67
N CYS A 206 2.65 17.32 -19.18
CA CYS A 206 1.20 17.23 -18.97
C CYS A 206 0.87 17.01 -17.50
N TYR A 207 1.63 16.15 -16.82
CA TYR A 207 1.40 15.89 -15.40
C TYR A 207 1.68 17.12 -14.55
N LEU A 208 2.79 17.81 -14.82
CA LEU A 208 3.14 19.03 -14.10
C LEU A 208 2.11 20.15 -14.32
N HIS A 209 1.75 20.40 -15.58
CA HIS A 209 0.70 21.37 -15.91
C HIS A 209 -0.62 21.04 -15.24
N THR A 210 -1.03 19.77 -15.24
CA THR A 210 -2.24 19.35 -14.54
C THR A 210 -2.14 19.62 -13.04
N ALA A 211 -1.01 19.23 -12.42
CA ALA A 211 -0.78 19.44 -10.99
C ALA A 211 -0.82 20.90 -10.58
N ILE A 212 -0.43 21.81 -11.47
CA ILE A 212 -0.39 23.22 -11.12
C ILE A 212 -1.70 23.93 -11.50
N VAL A 213 -2.39 23.46 -12.53
CA VAL A 213 -3.60 24.11 -13.02
C VAL A 213 -4.87 23.47 -12.46
N MET A 214 -4.94 22.14 -12.48
CA MET A 214 -6.18 21.41 -12.17
C MET A 214 -5.94 20.40 -11.06
N THR A 215 -6.28 20.79 -9.81
CA THR A 215 -6.02 19.95 -8.65
C THR A 215 -6.87 18.69 -8.64
N TYR A 216 -8.08 18.75 -9.20
CA TYR A 216 -8.91 17.56 -9.34
C TYR A 216 -8.29 16.59 -10.35
N SER A 217 -7.89 17.11 -11.52
CA SER A 217 -7.34 16.27 -12.57
C SER A 217 -6.00 15.64 -12.18
N THR A 218 -5.27 16.27 -11.25
CA THR A 218 -4.05 15.67 -10.69
C THR A 218 -4.34 14.28 -10.12
N GLU A 219 -5.43 14.17 -9.35
CA GLU A 219 -5.83 12.88 -8.79
C GLU A 219 -6.59 12.02 -9.78
N ARG A 220 -7.26 12.62 -10.77
CA ARG A 220 -7.92 11.88 -11.83
C ARG A 220 -6.97 11.01 -12.65
N LEU A 221 -5.72 11.45 -12.85
CA LEU A 221 -4.76 10.73 -13.67
C LEU A 221 -4.30 9.43 -13.01
N ARG A 222 -4.03 8.43 -13.85
CA ARG A 222 -3.53 7.13 -13.44
C ARG A 222 -2.29 6.75 -14.26
N LYS A 223 -1.46 5.89 -13.66
CA LYS A 223 -0.28 5.34 -14.35
C LYS A 223 -0.65 4.50 -15.57
N CYS A 224 -1.85 3.92 -15.60
CA CYS A 224 -2.27 3.07 -16.71
C CYS A 224 -2.40 3.84 -18.03
N LEU A 225 -2.51 5.15 -17.98
CA LEU A 225 -2.55 6.00 -19.17
C LEU A 225 -1.15 6.43 -19.58
N PHE A 226 -0.33 6.85 -18.61
CA PHE A 226 1.00 7.38 -18.92
C PHE A 226 1.96 6.28 -19.36
N LEU A 227 1.84 5.07 -18.80
CA LEU A 227 2.65 3.94 -19.28
C LEU A 227 2.31 3.58 -20.72
N PHE A 228 1.03 3.68 -21.08
CA PHE A 228 0.61 3.53 -22.47
C PHE A 228 1.23 4.61 -23.34
N ILE A 229 1.09 5.87 -22.94
CA ILE A 229 1.55 6.99 -23.76
C ILE A 229 3.06 6.90 -23.94
N GLY A 230 3.78 6.58 -22.87
CA GLY A 230 5.22 6.55 -22.90
C GLY A 230 5.81 5.28 -23.50
N TRP A 231 4.98 4.30 -23.89
CA TRP A 231 5.63 3.12 -24.47
C TRP A 231 5.03 2.71 -25.80
N CYS A 232 3.70 2.73 -25.92
CA CYS A 232 3.02 2.24 -27.13
C CYS A 232 3.07 3.21 -28.29
N ILE A 233 2.96 4.51 -28.01
CA ILE A 233 2.96 5.53 -29.07
C ILE A 233 4.23 5.64 -29.92
N PRO A 234 5.46 5.68 -29.35
CA PRO A 234 6.63 5.80 -30.26
C PRO A 234 6.90 4.60 -31.18
N PHE A 235 6.37 3.40 -30.89
CA PHE A 235 6.67 2.23 -31.71
C PHE A 235 6.17 2.32 -33.16
N PRO A 236 4.88 2.57 -33.47
CA PRO A 236 4.51 2.70 -34.89
C PRO A 236 5.08 3.94 -35.56
N ILE A 237 5.47 4.96 -34.78
CA ILE A 237 6.07 6.15 -35.36
C ILE A 237 7.47 5.84 -35.86
N ILE A 238 8.26 5.14 -35.03
CA ILE A 238 9.60 4.74 -35.46
C ILE A 238 9.54 3.66 -36.52
N VAL A 239 8.49 2.83 -36.53
CA VAL A 239 8.32 1.84 -37.59
C VAL A 239 8.02 2.52 -38.92
N ALA A 240 7.09 3.50 -38.92
CA ALA A 240 6.79 4.29 -40.12
C ALA A 240 8.02 5.06 -40.61
N TRP A 241 8.83 5.58 -39.67
CA TRP A 241 10.08 6.24 -40.03
C TRP A 241 11.04 5.26 -40.71
N ALA A 242 11.22 4.06 -40.13
CA ALA A 242 12.09 3.06 -40.71
C ALA A 242 11.64 2.61 -42.09
N ILE A 243 10.32 2.49 -42.28
CA ILE A 243 9.76 2.09 -43.57
C ILE A 243 9.98 3.19 -44.62
N GLY A 244 9.67 4.44 -44.25
CA GLY A 244 9.90 5.55 -45.16
C GLY A 244 11.37 5.76 -45.51
N LYS A 245 12.25 5.52 -44.53
CA LYS A 245 13.68 5.67 -44.78
C LYS A 245 14.21 4.55 -45.67
N LEU A 246 13.75 3.31 -45.45
CA LEU A 246 14.12 2.20 -46.32
C LEU A 246 13.62 2.40 -47.75
N TYR A 247 12.39 2.90 -47.89
CA TYR A 247 11.83 3.13 -49.22
C TYR A 247 12.52 4.27 -49.95
N TYR A 248 12.72 5.40 -49.27
CA TYR A 248 13.21 6.61 -49.93
C TYR A 248 14.74 6.70 -50.00
N GLU A 249 15.44 6.49 -48.88
CA GLU A 249 16.88 6.78 -48.76
C GLU A 249 17.57 5.57 -48.15
N ASN A 250 17.92 4.58 -48.98
CA ASN A 250 18.56 3.35 -48.51
C ASN A 250 19.97 3.18 -49.06
N GLU A 251 20.60 4.26 -49.54
CA GLU A 251 21.94 4.16 -50.09
C GLU A 251 23.01 4.22 -49.00
N GLN A 252 22.73 4.93 -47.91
CA GLN A 252 23.68 5.12 -46.82
C GLN A 252 23.00 4.73 -45.51
N CYS A 253 23.83 4.49 -44.49
CA CYS A 253 23.33 4.17 -43.15
C CYS A 253 22.49 5.32 -42.59
N TRP A 254 21.39 4.96 -41.92
CA TRP A 254 20.23 5.83 -41.71
C TRP A 254 20.50 7.05 -40.84
N PHE A 255 21.67 7.20 -40.21
CA PHE A 255 21.93 8.44 -39.51
C PHE A 255 22.34 9.57 -40.46
N GLY A 256 22.53 9.24 -41.73
CA GLY A 256 22.89 10.25 -42.71
C GLY A 256 21.70 11.13 -43.05
N LYS A 257 21.97 12.20 -43.80
CA LYS A 257 20.95 13.17 -44.16
C LYS A 257 21.14 13.49 -45.64
N GLU A 258 20.04 13.74 -46.35
CA GLU A 258 20.09 14.25 -47.70
C GLU A 258 19.26 15.51 -47.83
N PRO A 259 19.69 16.51 -48.62
CA PRO A 259 18.96 17.77 -48.78
C PRO A 259 17.60 17.59 -49.47
N LEU A 262 13.17 14.19 -46.64
CA LEU A 262 11.97 14.65 -45.96
C LEU A 262 11.53 13.67 -44.88
N VAL A 263 12.17 12.50 -44.86
CA VAL A 263 11.72 11.36 -44.04
C VAL A 263 11.80 11.71 -42.56
N ASP A 264 12.86 12.43 -42.15
CA ASP A 264 13.11 12.73 -40.74
C ASP A 264 12.00 13.56 -40.10
N TYR A 265 11.23 14.29 -40.92
CA TYR A 265 10.11 15.08 -40.45
C TYR A 265 9.00 14.22 -39.87
N ILE A 266 8.99 12.92 -40.20
CA ILE A 266 8.04 11.99 -39.58
C ILE A 266 8.31 11.92 -38.09
N TYR A 267 9.57 11.82 -37.69
CA TYR A 267 9.87 11.76 -36.26
C TYR A 267 10.26 13.10 -35.66
N GLN A 268 10.86 14.00 -36.44
CA GLN A 268 11.27 15.30 -35.90
C GLN A 268 10.11 16.26 -35.75
N GLY A 269 9.10 16.14 -36.60
CA GLY A 269 7.89 16.95 -36.56
C GLY A 269 7.12 17.07 -35.25
N PRO A 270 6.60 15.97 -34.71
CA PRO A 270 5.90 16.06 -33.42
C PRO A 270 6.76 16.46 -32.22
N ILE A 271 8.07 16.14 -32.24
CA ILE A 271 8.96 16.45 -31.13
C ILE A 271 9.03 17.95 -30.88
N ILE A 272 9.19 18.73 -31.95
CA ILE A 272 9.20 20.19 -31.85
C ILE A 272 7.86 20.67 -31.31
N LEU A 273 6.76 20.06 -31.77
CA LEU A 273 5.43 20.41 -31.30
C LEU A 273 5.31 20.12 -29.81
N VAL A 274 5.90 19.00 -29.37
CA VAL A 274 5.94 18.65 -27.96
C VAL A 274 6.64 19.73 -27.17
N LEU A 275 7.80 20.19 -27.70
CA LEU A 275 8.56 21.23 -27.03
C LEU A 275 7.75 22.51 -26.95
N LEU A 276 7.02 22.80 -28.04
CA LEU A 276 6.25 24.03 -28.11
C LEU A 276 5.13 24.00 -27.08
N ILE A 277 4.46 22.85 -26.94
CA ILE A 277 3.33 22.80 -26.02
C ILE A 277 3.87 22.80 -24.60
N ASN A 278 5.06 22.20 -24.40
CA ASN A 278 5.66 22.21 -23.08
C ASN A 278 6.09 23.62 -22.71
N PHE A 279 6.48 24.41 -23.71
CA PHE A 279 6.80 25.81 -23.48
C PHE A 279 5.57 26.55 -23.00
N VAL A 280 4.43 26.28 -23.66
CA VAL A 280 3.15 26.85 -23.26
C VAL A 280 2.81 26.42 -21.84
N PHE A 281 3.06 25.14 -21.53
CA PHE A 281 2.81 24.62 -20.19
C PHE A 281 3.66 25.37 -19.18
N LEU A 282 4.94 25.57 -19.52
CA LEU A 282 5.88 26.24 -18.64
C LEU A 282 5.42 27.65 -18.33
N PHE A 283 4.87 28.32 -19.35
CA PHE A 283 4.37 29.68 -19.21
C PHE A 283 3.28 29.74 -18.14
N ASN A 284 2.30 28.83 -18.25
CA ASN A 284 1.18 28.81 -17.31
C ASN A 284 1.68 28.55 -15.90
N ILE A 285 2.69 27.67 -15.79
CA ILE A 285 3.24 27.28 -14.49
C ILE A 285 3.89 28.50 -13.84
N VAL A 286 4.67 29.24 -14.65
CA VAL A 286 5.35 30.43 -14.16
C VAL A 286 4.33 31.47 -13.74
N ARG A 287 3.24 31.59 -14.53
CA ARG A 287 2.15 32.52 -14.22
C ARG A 287 1.59 32.21 -12.84
N ILE A 288 1.31 30.91 -12.59
CA ILE A 288 0.76 30.50 -11.31
C ILE A 288 1.80 30.70 -10.23
N LEU A 289 3.07 30.38 -10.57
CA LEU A 289 4.19 30.59 -9.67
C LEU A 289 4.27 32.05 -9.25
N MET A 290 4.11 32.97 -10.23
CA MET A 290 4.15 34.39 -9.94
C MET A 290 3.01 34.77 -9.00
N THR A 291 1.83 34.17 -9.21
CA THR A 291 0.69 34.38 -8.33
C THR A 291 1.05 33.95 -6.91
N LYS A 292 1.67 32.77 -6.80
CA LYS A 292 2.12 32.27 -5.50
C LYS A 292 3.18 33.20 -4.92
N LEU A 293 4.10 33.67 -5.78
CA LEU A 293 5.12 34.61 -5.32
C LEU A 293 4.47 35.91 -4.87
N ARG A 294 3.40 36.33 -5.55
CA ARG A 294 2.64 37.48 -5.05
C ARG A 294 2.00 37.19 -3.69
N ALA A 295 1.47 35.97 -3.51
CA ALA A 295 0.83 35.64 -2.25
C ALA A 295 1.80 35.32 -1.11
N SER A 296 2.93 34.66 -1.40
CA SER A 296 3.75 34.15 -0.30
C SER A 296 4.71 35.19 0.28
N THR A 297 5.62 35.72 -0.55
CA THR A 297 6.73 36.49 -0.02
C THR A 297 6.54 38.01 -0.05
N THR A 298 5.68 38.52 -0.94
CA THR A 298 5.36 39.95 -1.10
C THR A 298 6.62 40.82 -1.15
N SER A 299 7.64 40.34 -1.86
CA SER A 299 8.86 41.09 -2.10
C SER A 299 9.37 40.73 -3.49
N GLU A 300 9.55 41.75 -4.33
CA GLU A 300 9.90 41.55 -5.74
C GLU A 300 11.23 40.82 -5.91
N THR A 301 12.20 41.08 -5.03
CA THR A 301 13.50 40.41 -5.09
C THR A 301 13.38 38.91 -4.89
N ILE A 302 12.59 38.50 -3.88
CA ILE A 302 12.39 37.08 -3.58
C ILE A 302 11.57 36.44 -4.69
N GLN A 303 10.52 37.12 -5.16
CA GLN A 303 9.70 36.68 -6.28
C GLN A 303 10.56 36.35 -7.50
N TYR A 304 11.47 37.27 -7.86
CA TYR A 304 12.26 37.06 -9.08
C TYR A 304 13.32 35.98 -8.86
N ARG A 305 13.91 35.92 -7.66
CA ARG A 305 14.91 34.91 -7.34
C ARG A 305 14.32 33.50 -7.37
N LYS A 306 13.11 33.34 -6.82
CA LYS A 306 12.45 32.05 -6.82
C LYS A 306 11.94 31.67 -8.20
N ALA A 307 11.38 32.64 -8.94
CA ALA A 307 10.88 32.35 -10.28
C ALA A 307 12.02 31.98 -11.22
N VAL A 308 13.17 32.65 -11.09
CA VAL A 308 14.33 32.35 -11.93
C VAL A 308 14.90 30.97 -11.58
N LYS A 309 15.05 30.66 -10.29
CA LYS A 309 15.54 29.35 -9.89
C LYS A 309 14.61 28.22 -10.32
N ALA A 310 13.29 28.43 -10.18
CA ALA A 310 12.30 27.45 -10.62
C ALA A 310 12.34 27.25 -12.14
N THR A 311 12.48 28.35 -12.90
CA THR A 311 12.57 28.25 -14.35
C THR A 311 13.82 27.50 -14.78
N LEU A 312 14.96 27.85 -14.17
CA LEU A 312 16.25 27.23 -14.50
C LEU A 312 16.24 25.73 -14.18
N VAL A 313 15.56 25.33 -13.10
CA VAL A 313 15.51 23.90 -12.80
C VAL A 313 14.45 23.18 -13.62
N LEU A 314 13.37 23.86 -14.02
CA LEU A 314 12.37 23.27 -14.90
C LEU A 314 12.87 23.08 -16.33
N LEU A 315 13.80 23.93 -16.78
CA LEU A 315 14.35 23.87 -18.13
C LEU A 315 14.91 22.52 -18.59
N PRO A 316 15.82 21.83 -17.87
CA PRO A 316 16.23 20.50 -18.38
C PRO A 316 15.17 19.41 -18.21
N LEU A 317 14.27 19.54 -17.24
CA LEU A 317 13.22 18.54 -17.03
C LEU A 317 12.23 18.50 -18.19
N LEU A 318 11.81 19.65 -18.69
CA LEU A 318 10.81 19.71 -19.76
C LEU A 318 11.39 19.74 -21.16
N GLY A 319 12.72 19.80 -21.30
CA GLY A 319 13.28 19.82 -22.64
C GLY A 319 13.33 21.19 -23.28
N ILE A 320 12.97 22.25 -22.55
CA ILE A 320 12.87 23.60 -23.11
C ILE A 320 14.25 24.15 -23.49
N THR A 321 15.33 23.57 -22.93
CA THR A 321 16.70 23.88 -23.35
C THR A 321 16.90 23.76 -24.86
N TYR A 322 16.25 22.78 -25.51
CA TYR A 322 16.36 22.66 -26.96
C TYR A 322 15.67 23.81 -27.70
N MET A 323 14.74 24.50 -27.06
CA MET A 323 14.07 25.65 -27.65
C MET A 323 14.79 26.96 -27.38
N LEU A 324 15.77 26.95 -26.48
CA LEU A 324 16.48 28.18 -26.13
C LEU A 324 17.40 28.62 -27.27
N PHE A 325 18.03 27.66 -27.92
CA PHE A 325 18.94 27.87 -29.05
C PHE A 325 18.41 27.06 -30.23
N PHE A 326 17.48 27.65 -30.98
CA PHE A 326 16.75 26.96 -32.03
C PHE A 326 17.23 27.50 -33.37
N VAL A 327 17.86 26.61 -34.16
CA VAL A 327 18.47 26.87 -35.48
C VAL A 327 19.67 27.81 -35.34
N GLU A 331 26.36 29.82 -42.20
CA GLU A 331 26.63 31.19 -42.62
C GLU A 331 27.65 31.85 -41.71
N ASP A 332 27.26 32.05 -40.45
CA ASP A 332 28.13 32.63 -39.42
C ASP A 332 28.83 31.50 -38.68
N ASP A 333 30.10 31.25 -39.04
CA ASP A 333 30.85 30.12 -38.49
C ASP A 333 31.05 30.24 -36.99
N LEU A 334 31.30 31.46 -36.49
CA LEU A 334 31.51 31.66 -35.05
C LEU A 334 30.24 31.39 -34.27
N SER A 335 29.11 31.91 -34.76
CA SER A 335 27.82 31.68 -34.12
C SER A 335 27.39 30.22 -34.24
N GLN A 336 27.74 29.56 -35.35
CA GLN A 336 27.40 28.16 -35.53
C GLN A 336 28.24 27.27 -34.62
N ILE A 337 29.50 27.62 -34.40
CA ILE A 337 30.33 26.80 -33.54
C ILE A 337 29.99 27.03 -32.07
N MET A 338 29.59 28.25 -31.70
CA MET A 338 29.10 28.46 -30.34
C MET A 338 27.74 27.81 -30.12
N PHE A 339 26.91 27.76 -31.19
CA PHE A 339 25.65 27.01 -31.18
C PHE A 339 25.88 25.53 -30.90
N ILE A 340 26.83 24.91 -31.62
CA ILE A 340 27.16 23.50 -31.41
C ILE A 340 27.75 23.27 -30.02
N TYR A 341 28.66 24.15 -29.57
CA TYR A 341 29.23 24.06 -28.22
C TYR A 341 28.16 24.13 -27.13
N PHE A 342 27.28 25.13 -27.21
CA PHE A 342 26.26 25.32 -26.18
C PHE A 342 25.23 24.20 -26.19
N ASN A 343 24.78 23.77 -27.38
CA ASN A 343 23.81 22.68 -27.42
C ASN A 343 24.44 21.35 -27.00
N SER A 344 25.74 21.16 -27.27
CA SER A 344 26.46 19.99 -26.77
C SER A 344 26.52 20.00 -25.25
N PHE A 345 26.78 21.17 -24.66
CA PHE A 345 26.78 21.35 -23.21
C PHE A 345 25.42 21.00 -22.61
N LEU A 346 24.35 21.60 -23.17
CA LEU A 346 23.01 21.41 -22.64
C LEU A 346 22.55 19.95 -22.78
N GLN A 347 22.90 19.30 -23.91
CA GLN A 347 22.48 17.93 -24.13
C GLN A 347 23.25 16.98 -23.23
N SER A 348 24.57 17.14 -23.16
CA SER A 348 25.39 16.22 -22.36
C SER A 348 25.14 16.39 -20.87
N PHE A 349 24.80 17.59 -20.41
CA PHE A 349 24.51 17.77 -18.98
C PHE A 349 23.03 17.72 -18.63
N GLN A 350 22.13 17.52 -19.60
CA GLN A 350 20.69 17.50 -19.30
C GLN A 350 20.33 16.34 -18.38
N GLY A 351 20.79 15.13 -18.71
CA GLY A 351 20.53 13.96 -17.88
C GLY A 351 21.15 14.07 -16.50
N PHE A 352 22.39 14.57 -16.44
CA PHE A 352 23.07 14.83 -15.17
C PHE A 352 22.27 15.79 -14.29
N PHE A 353 21.85 16.92 -14.85
CA PHE A 353 21.15 17.95 -14.09
C PHE A 353 19.80 17.45 -13.61
N VAL A 354 19.05 16.73 -14.46
CA VAL A 354 17.75 16.21 -14.08
C VAL A 354 17.89 15.14 -13.00
N SER A 355 18.85 14.22 -13.17
CA SER A 355 19.06 13.14 -12.21
C SER A 355 19.49 13.69 -10.85
N VAL A 356 20.43 14.64 -10.85
CA VAL A 356 20.97 15.18 -9.61
C VAL A 356 19.90 16.01 -8.89
N PHE A 357 19.27 16.95 -9.60
CA PHE A 357 18.28 17.82 -8.97
C PHE A 357 17.06 17.03 -8.48
N TYR A 358 16.53 16.12 -9.29
CA TYR A 358 15.32 15.41 -8.92
C TYR A 358 15.57 14.09 -8.19
N CYS A 359 16.82 13.79 -7.81
CA CYS A 359 17.03 12.63 -6.96
C CYS A 359 17.85 12.97 -5.72
N PHE A 360 19.00 13.61 -5.92
CA PHE A 360 19.88 13.95 -4.81
C PHE A 360 19.41 15.15 -4.01
N PHE A 361 18.63 16.05 -4.61
CA PHE A 361 18.03 17.16 -3.89
C PHE A 361 16.56 16.96 -3.53
N ASN A 362 16.01 15.78 -3.81
CA ASN A 362 14.60 15.52 -3.52
C ASN A 362 14.45 15.12 -2.06
N GLY A 363 13.62 15.88 -1.32
CA GLY A 363 13.43 15.65 0.11
C GLY A 363 13.02 14.24 0.47
N GLU A 364 11.94 13.74 -0.18
CA GLU A 364 11.46 12.38 0.05
C GLU A 364 12.54 11.33 -0.23
N VAL A 365 13.26 11.49 -1.35
CA VAL A 365 14.31 10.54 -1.72
C VAL A 365 15.44 10.58 -0.71
N ARG A 366 15.84 11.79 -0.28
CA ARG A 366 16.91 11.94 0.71
C ARG A 366 16.52 11.29 2.03
N SER A 367 15.26 11.50 2.46
CA SER A 367 14.78 10.88 3.69
C SER A 367 14.75 9.37 3.59
N ALA A 368 14.31 8.83 2.44
CA ALA A 368 14.33 7.38 2.25
C ALA A 368 15.75 6.82 2.27
N VAL A 369 16.70 7.56 1.69
CA VAL A 369 18.11 7.17 1.71
C VAL A 369 18.64 7.15 3.13
N ARG A 370 18.30 8.19 3.91
CA ARG A 370 18.72 8.28 5.31
C ARG A 370 18.16 7.13 6.11
N LYS A 371 16.86 6.85 5.96
CA LYS A 371 16.20 5.77 6.70
C LYS A 371 16.83 4.42 6.35
N ARG A 372 17.14 4.21 5.06
CA ARG A 372 17.78 2.98 4.62
C ARG A 372 19.17 2.85 5.24
N TRP A 373 19.92 3.96 5.28
CA TRP A 373 21.24 3.99 5.89
C TRP A 373 21.18 3.67 7.38
N HIS A 374 20.22 4.27 8.10
CA HIS A 374 20.05 3.97 9.53
C HIS A 374 19.69 2.51 9.76
N ARG A 375 18.82 1.95 8.90
CA ARG A 375 18.48 0.52 8.94
C ARG A 375 19.73 -0.34 8.76
N TRP A 376 20.54 -0.02 7.74
CA TRP A 376 21.77 -0.76 7.47
C TRP A 376 22.74 -0.68 8.64
N GLN A 377 22.95 0.52 9.18
CA GLN A 377 23.90 0.71 10.27
C GLN A 377 23.45 -0.01 11.53
N ASP A 378 22.15 0.05 11.85
CA ASP A 378 21.65 -0.61 13.05
C ASP A 378 21.67 -2.13 12.88
N HIS A 379 21.34 -2.64 11.69
CA HIS A 379 21.39 -4.08 11.44
C HIS A 379 22.81 -4.63 11.51
N HIS A 380 23.76 -3.97 10.84
CA HIS A 380 25.12 -4.48 10.81
C HIS A 380 25.92 -4.18 12.06
N SER A 381 25.55 -3.12 12.81
CA SER A 381 26.22 -2.83 14.08
C SER A 381 25.93 -3.90 15.12
N LEU A 382 24.71 -4.44 15.14
CA LEU A 382 24.39 -5.56 16.01
C LEU A 382 24.91 -6.87 15.44
N ASN B 2 21.16 24.40 -45.50
CA ASN B 2 21.36 23.27 -44.61
C ASN B 2 21.09 23.66 -43.15
N PRO B 3 19.82 23.62 -42.75
CA PRO B 3 19.49 23.89 -41.34
C PRO B 3 20.03 22.82 -40.41
N SER B 4 20.38 23.25 -39.19
CA SER B 4 20.85 22.35 -38.14
C SER B 4 20.02 22.55 -36.89
N LEU B 5 19.31 21.50 -36.47
CA LEU B 5 18.43 21.55 -35.31
C LEU B 5 19.14 21.02 -34.07
N SER B 6 18.74 21.56 -32.91
CA SER B 6 19.32 21.13 -31.63
C SER B 6 18.95 19.69 -31.27
N ILE B 7 17.90 19.13 -31.89
CA ILE B 7 17.47 17.77 -31.57
C ILE B 7 18.18 16.72 -32.42
N ASP B 8 18.99 17.14 -33.39
CA ASP B 8 19.74 16.24 -34.26
C ASP B 8 21.23 16.49 -34.17
N LEU B 9 21.68 17.13 -33.08
CA LEU B 9 23.09 17.51 -32.92
C LEU B 9 23.99 16.28 -32.86
N THR B 10 23.51 15.21 -32.22
CA THR B 10 24.25 13.95 -32.11
C THR B 10 24.59 13.40 -33.49
N PHE B 11 23.60 13.33 -34.37
CA PHE B 11 23.83 12.80 -35.71
C PHE B 11 24.54 13.80 -36.60
N HIS B 12 24.33 15.09 -36.37
CA HIS B 12 25.06 16.12 -37.12
C HIS B 12 26.55 16.06 -36.82
N LEU B 13 26.90 15.93 -35.54
CA LEU B 13 28.30 15.75 -35.14
C LEU B 13 28.87 14.44 -35.64
N LEU B 14 28.09 13.35 -35.60
CA LEU B 14 28.53 12.08 -36.15
C LEU B 14 28.83 12.18 -37.65
N ARG B 15 27.93 12.82 -38.42
CA ARG B 15 28.16 13.04 -39.85
C ARG B 15 29.40 13.90 -40.10
N THR B 16 29.59 14.96 -39.31
CA THR B 16 30.74 15.84 -39.47
C THR B 16 32.05 15.10 -39.17
N LEU B 17 32.07 14.33 -38.07
CA LEU B 17 33.26 13.58 -37.72
C LEU B 17 33.55 12.49 -38.75
N LEU B 18 32.51 11.87 -39.32
CA LEU B 18 32.74 10.88 -40.38
C LEU B 18 33.26 11.54 -41.65
N GLU B 19 32.79 12.74 -41.99
CA GLU B 19 33.35 13.49 -43.12
C GLU B 19 34.81 13.86 -42.89
N LEU B 20 35.16 14.24 -41.65
CA LEU B 20 36.55 14.56 -41.34
C LEU B 20 37.44 13.32 -41.39
N ALA B 21 36.96 12.19 -40.88
CA ALA B 21 37.72 10.95 -40.94
C ALA B 21 37.90 10.47 -42.37
N ARG B 22 36.84 10.59 -43.19
CA ARG B 22 36.95 10.27 -44.61
C ARG B 22 37.95 11.17 -45.32
N THR B 23 37.94 12.48 -44.99
CA THR B 23 38.90 13.41 -45.58
C THR B 23 40.33 13.06 -45.22
N GLN B 24 40.59 12.74 -43.95
CA GLN B 24 41.94 12.36 -43.52
C GLN B 24 42.39 11.04 -44.14
N SER B 25 41.46 10.07 -44.23
CA SER B 25 41.76 8.79 -44.87
C SER B 25 42.07 8.97 -46.36
N GLN B 26 41.27 9.77 -47.06
CA GLN B 26 41.53 10.05 -48.47
C GLN B 26 42.84 10.79 -48.66
N ARG B 27 43.19 11.70 -47.74
CA ARG B 27 44.47 12.40 -47.83
C ARG B 27 45.65 11.44 -47.66
N GLU B 28 45.55 10.54 -46.67
CA GLU B 28 46.60 9.54 -46.44
C GLU B 28 46.73 8.60 -47.63
N ARG B 29 45.60 8.13 -48.17
CA ARG B 29 45.63 7.25 -49.33
C ARG B 29 46.15 7.97 -50.57
N ALA B 30 45.83 9.27 -50.71
CA ALA B 30 46.38 10.06 -51.81
C ALA B 30 47.89 10.19 -51.72
N GLU B 31 48.41 10.40 -50.50
CA GLU B 31 49.85 10.46 -50.31
C GLU B 31 50.52 9.11 -50.60
N GLN B 32 49.88 8.01 -50.18
CA GLN B 32 50.39 6.68 -50.51
C GLN B 32 50.36 6.42 -52.01
N ASN B 33 49.32 6.89 -52.70
CA ASN B 33 49.23 6.71 -54.15
C ASN B 33 50.26 7.55 -54.87
N ARG B 34 50.54 8.75 -54.35
CA ARG B 34 51.65 9.58 -54.85
C ARG B 34 52.98 8.86 -54.72
N ILE B 35 53.20 8.21 -53.57
CA ILE B 35 54.43 7.44 -53.35
C ILE B 35 54.52 6.27 -54.33
N ILE B 36 53.40 5.55 -54.52
CA ILE B 36 53.34 4.42 -55.43
C ILE B 36 53.64 4.86 -56.87
N PHE B 37 53.00 5.95 -57.31
CA PHE B 37 53.19 6.45 -58.66
C PHE B 37 54.61 6.96 -58.88
N ASP B 38 55.19 7.62 -57.86
CA ASP B 38 56.58 8.04 -57.95
C ASP B 38 57.52 6.85 -58.03
N SER B 39 57.19 5.76 -57.31
CA SER B 39 57.98 4.54 -57.40
C SER B 39 57.80 3.86 -58.76
N VAL B 40 56.57 3.79 -59.25
CA VAL B 40 56.28 3.16 -60.53
C VAL B 40 56.56 4.12 -61.67
N SER C 6 -4.86 -26.51 -5.97
CA SER C 6 -6.12 -27.25 -6.02
C SER C 6 -7.24 -26.37 -6.56
N ALA C 7 -8.41 -26.98 -6.78
CA ALA C 7 -9.58 -26.23 -7.21
C ALA C 7 -10.01 -25.20 -6.16
N GLU C 8 -9.93 -25.56 -4.88
CA GLU C 8 -10.29 -24.62 -3.83
C GLU C 8 -9.25 -23.52 -3.69
N ASP C 9 -7.97 -23.87 -3.85
CA ASP C 9 -6.91 -22.87 -3.83
C ASP C 9 -7.06 -21.87 -4.98
N LYS C 10 -7.32 -22.38 -6.19
CA LYS C 10 -7.49 -21.51 -7.35
C LYS C 10 -8.74 -20.63 -7.22
N ALA C 11 -9.84 -21.19 -6.69
CA ALA C 11 -11.04 -20.39 -6.46
C ALA C 11 -10.80 -19.33 -5.39
N ALA C 12 -10.04 -19.67 -4.34
CA ALA C 12 -9.69 -18.69 -3.31
C ALA C 12 -8.83 -17.57 -3.88
N VAL C 13 -7.91 -17.91 -4.79
CA VAL C 13 -7.10 -16.89 -5.46
C VAL C 13 -7.97 -16.00 -6.33
N GLU C 14 -8.94 -16.60 -7.06
CA GLU C 14 -9.86 -15.81 -7.87
C GLU C 14 -10.73 -14.87 -7.02
N ARG C 15 -11.19 -15.35 -5.86
CA ARG C 15 -11.95 -14.50 -4.95
C ARG C 15 -11.08 -13.39 -4.37
N SER C 16 -9.82 -13.70 -4.04
CA SER C 16 -8.87 -12.69 -3.61
C SER C 16 -8.64 -11.64 -4.69
N LYS C 17 -8.56 -12.07 -5.96
CA LYS C 17 -8.42 -11.11 -7.06
C LYS C 17 -9.66 -10.23 -7.19
N MET C 18 -10.84 -10.80 -6.94
CA MET C 18 -12.08 -10.01 -6.97
C MET C 18 -12.05 -8.95 -5.87
N ILE C 19 -11.59 -9.36 -4.68
CA ILE C 19 -11.42 -8.46 -3.55
C ILE C 19 -10.43 -7.35 -3.90
N GLU C 20 -9.32 -7.72 -4.56
CA GLU C 20 -8.33 -6.74 -5.02
C GLU C 20 -8.94 -5.75 -6.01
N LYS C 21 -9.85 -6.22 -6.87
CA LYS C 21 -10.54 -5.34 -7.82
C LYS C 21 -11.38 -4.32 -7.08
N GLN C 22 -12.08 -4.78 -6.04
CA GLN C 22 -12.90 -3.88 -5.22
C GLN C 22 -12.02 -2.92 -4.43
N LEU C 23 -10.86 -3.40 -3.97
CA LEU C 23 -9.89 -2.54 -3.29
C LEU C 23 -9.33 -1.47 -4.22
N ARG C 24 -9.11 -1.81 -5.49
CA ARG C 24 -8.66 -0.81 -6.46
C ARG C 24 -9.75 0.24 -6.70
N ARG C 25 -11.01 -0.20 -6.76
CA ARG C 25 -12.13 0.74 -6.93
C ARG C 25 -12.21 1.68 -5.74
N ASP C 26 -12.09 1.12 -4.53
CA ASP C 26 -12.13 1.93 -3.31
C ASP C 26 -10.91 2.82 -3.20
N LYS C 27 -9.76 2.38 -3.72
CA LYS C 27 -8.57 3.22 -3.79
C LYS C 27 -8.81 4.44 -4.68
N ARG C 28 -9.43 4.23 -5.84
CA ARG C 28 -9.78 5.33 -6.74
C ARG C 28 -10.74 6.31 -6.07
N ASP C 29 -11.75 5.77 -5.35
CA ASP C 29 -12.68 6.63 -4.63
C ASP C 29 -11.99 7.37 -3.48
N ALA C 30 -11.05 6.71 -2.80
CA ALA C 30 -10.30 7.36 -1.73
C ALA C 30 -9.41 8.47 -2.27
N ARG C 31 -8.88 8.28 -3.49
CA ARG C 31 -8.10 9.35 -4.13
C ARG C 31 -9.00 10.53 -4.44
N ARG C 32 -10.21 10.26 -4.96
CA ARG C 32 -11.16 11.33 -5.23
C ARG C 32 -11.60 12.05 -3.96
N GLU C 33 -11.81 11.30 -2.87
CA GLU C 33 -12.18 11.89 -1.59
C GLU C 33 -11.01 12.65 -0.97
N LEU C 34 -11.30 13.82 -0.40
CA LEU C 34 -10.33 14.61 0.33
C LEU C 34 -10.81 14.79 1.77
N LYS C 35 -9.96 14.41 2.72
CA LYS C 35 -10.31 14.49 4.14
C LYS C 35 -10.08 15.89 4.68
N LEU C 36 -11.00 16.37 5.50
CA LEU C 36 -10.89 17.66 6.17
C LEU C 36 -11.21 17.51 7.65
N LEU C 37 -10.34 18.06 8.50
CA LEU C 37 -10.51 18.01 9.95
C LEU C 37 -11.02 19.35 10.46
N LEU C 38 -12.16 19.31 11.17
CA LEU C 38 -12.75 20.48 11.79
C LEU C 38 -12.56 20.39 13.30
N LEU C 39 -11.85 21.36 13.87
CA LEU C 39 -11.65 21.47 15.30
C LEU C 39 -12.35 22.71 15.83
N GLY C 40 -12.85 22.60 17.05
CA GLY C 40 -13.54 23.68 17.71
C GLY C 40 -14.45 23.16 18.79
N THR C 41 -14.95 24.07 19.61
CA THR C 41 -15.80 23.71 20.73
C THR C 41 -17.27 23.98 20.40
N GLY C 42 -18.14 23.46 21.30
CA GLY C 42 -19.58 23.58 21.09
C GLY C 42 -20.09 25.02 21.11
N GLU C 43 -19.54 25.84 22.01
CA GLU C 43 -19.98 27.22 22.14
C GLU C 43 -19.54 28.12 20.98
N SER C 44 -18.71 27.63 20.06
CA SER C 44 -18.33 28.41 18.89
C SER C 44 -19.44 28.50 17.85
N GLY C 45 -20.52 27.74 17.99
CA GLY C 45 -21.58 27.76 16.99
C GLY C 45 -21.27 26.91 15.77
N LYS C 46 -20.55 25.80 15.96
CA LYS C 46 -20.13 24.94 14.86
C LYS C 46 -21.31 24.26 14.15
N SER C 47 -22.44 24.04 14.85
CA SER C 47 -23.61 23.47 14.20
C SER C 47 -24.20 24.39 13.15
N THR C 48 -24.14 25.71 13.38
CA THR C 48 -24.63 26.65 12.37
C THR C 48 -23.68 26.71 11.18
N PHE C 49 -22.37 26.63 11.45
CA PHE C 49 -21.37 26.51 10.39
C PHE C 49 -21.61 25.28 9.52
N ILE C 50 -21.88 24.13 10.14
CA ILE C 50 -22.16 22.90 9.38
C ILE C 50 -23.45 23.05 8.57
N LYS C 51 -24.48 23.65 9.18
CA LYS C 51 -25.73 23.95 8.46
C LYS C 51 -25.48 24.81 7.23
N GLN C 52 -24.60 25.82 7.35
CA GLN C 52 -24.24 26.62 6.19
C GLN C 52 -23.44 25.82 5.16
N MET C 53 -22.58 24.92 5.63
CA MET C 53 -21.74 24.13 4.72
C MET C 53 -22.55 23.08 3.96
N ARG C 54 -23.69 22.65 4.52
CA ARG C 54 -24.51 21.63 3.86
C ARG C 54 -25.07 22.13 2.53
N ILE C 55 -25.46 23.39 2.47
CA ILE C 55 -26.04 23.95 1.26
C ILE C 55 -25.17 25.08 0.72
N GLY C 182 -19.48 10.27 19.30
CA GLY C 182 -18.38 9.74 18.53
C GLY C 182 -17.93 10.64 17.40
N ILE C 183 -17.02 10.12 16.56
CA ILE C 183 -16.54 10.86 15.41
C ILE C 183 -17.69 11.02 14.41
N ILE C 184 -17.82 12.22 13.84
CA ILE C 184 -18.94 12.51 12.95
C ILE C 184 -18.38 12.80 11.57
N GLU C 185 -18.96 12.15 10.56
CA GLU C 185 -18.59 12.33 9.16
C GLU C 185 -19.56 13.29 8.49
N TYR C 186 -19.03 14.22 7.71
CA TYR C 186 -19.82 15.21 6.97
C TYR C 186 -19.36 15.22 5.51
N PRO C 187 -19.77 14.25 4.70
CA PRO C 187 -19.43 14.32 3.28
C PRO C 187 -20.27 15.38 2.58
N PHE C 188 -19.68 16.00 1.56
CA PHE C 188 -20.42 16.90 0.69
C PHE C 188 -19.72 16.95 -0.66
N ASP C 189 -20.47 17.37 -1.68
CA ASP C 189 -19.96 17.39 -3.04
C ASP C 189 -19.81 18.82 -3.55
N LEU C 190 -18.83 19.00 -4.42
CA LEU C 190 -18.70 20.17 -5.29
C LEU C 190 -19.25 19.81 -6.65
N GLU C 191 -18.79 20.49 -7.70
CA GLU C 191 -19.20 20.14 -9.06
C GLU C 191 -18.69 18.76 -9.43
N ASN C 192 -17.44 18.46 -9.09
CA ASN C 192 -16.93 17.10 -9.23
C ASN C 192 -15.94 16.70 -8.15
N ILE C 193 -15.68 17.56 -7.16
CA ILE C 193 -14.75 17.27 -6.08
C ILE C 193 -15.52 16.88 -4.82
N ILE C 194 -15.12 15.79 -4.19
CA ILE C 194 -15.81 15.24 -3.03
C ILE C 194 -15.00 15.61 -1.79
N PHE C 195 -15.64 16.27 -0.82
CA PHE C 195 -14.98 16.61 0.43
C PHE C 195 -15.60 15.82 1.58
N ARG C 196 -14.76 15.47 2.55
CA ARG C 196 -15.18 14.76 3.76
C ARG C 196 -14.72 15.54 5.00
N MET C 197 -15.64 16.29 5.60
CA MET C 197 -15.33 17.07 6.80
C MET C 197 -15.52 16.19 8.03
N VAL C 198 -14.54 16.22 8.94
CA VAL C 198 -14.51 15.31 10.09
C VAL C 198 -14.68 16.14 11.35
N ASP C 199 -15.70 15.81 12.15
CA ASP C 199 -15.97 16.52 13.41
C ASP C 199 -15.67 15.57 14.57
N VAL C 200 -14.65 15.91 15.34
CA VAL C 200 -14.23 15.14 16.51
C VAL C 200 -14.54 15.89 17.81
N GLY C 201 -15.24 17.03 17.73
CA GLY C 201 -15.49 17.88 18.88
C GLY C 201 -16.44 17.33 19.93
N ALA C 202 -17.13 16.24 19.63
CA ALA C 202 -18.02 15.63 20.60
C ALA C 202 -17.28 14.80 21.63
N GLN C 203 -16.02 14.44 21.36
CA GLN C 203 -15.27 13.49 22.16
C GLN C 203 -14.60 14.16 23.35
N ARG C 204 -14.71 13.52 24.51
CA ARG C 204 -14.06 13.95 25.75
C ARG C 204 -12.83 13.08 25.97
N SER C 205 -11.66 13.58 25.58
CA SER C 205 -10.45 12.77 25.57
C SER C 205 -9.23 13.68 25.57
N GLU C 206 -8.07 13.08 25.81
CA GLU C 206 -6.79 13.77 25.69
C GLU C 206 -6.25 13.56 24.29
N ARG C 207 -6.14 14.67 23.53
CA ARG C 207 -5.78 14.67 22.12
C ARG C 207 -4.43 14.01 21.83
N ARG C 208 -3.49 14.08 22.79
CA ARG C 208 -2.10 13.62 22.57
C ARG C 208 -2.00 12.15 22.16
N LYS C 209 -2.95 11.30 22.56
CA LYS C 209 -2.86 9.86 22.30
C LYS C 209 -3.84 9.38 21.23
N TRP C 210 -4.37 10.27 20.39
CA TRP C 210 -5.15 9.81 19.24
C TRP C 210 -5.02 10.68 17.98
N ILE C 211 -4.62 11.94 18.13
CA ILE C 211 -4.58 12.90 17.02
C ILE C 211 -3.58 12.54 15.92
N HIS C 212 -2.63 11.64 16.20
CA HIS C 212 -1.64 11.21 15.20
C HIS C 212 -2.25 10.59 13.94
N CYS C 213 -3.46 10.02 14.03
CA CYS C 213 -4.14 9.44 12.87
C CYS C 213 -4.58 10.45 11.82
N PHE C 214 -4.47 11.75 12.08
CA PHE C 214 -4.89 12.80 11.16
C PHE C 214 -3.76 13.38 10.32
N GLU C 215 -2.62 12.69 10.24
CA GLU C 215 -1.50 13.14 9.41
C GLU C 215 -1.89 13.28 7.94
N ASN C 216 -2.74 12.39 7.44
CA ASN C 216 -3.15 12.40 6.04
C ASN C 216 -4.21 13.47 5.71
N VAL C 217 -4.58 14.32 6.65
CA VAL C 217 -5.55 15.38 6.38
C VAL C 217 -4.84 16.53 5.71
N THR C 218 -5.42 17.03 4.60
CA THR C 218 -4.79 18.07 3.80
C THR C 218 -4.66 19.40 4.55
N SER C 219 -5.70 19.80 5.27
CA SER C 219 -5.65 21.05 6.01
C SER C 219 -6.46 20.91 7.29
N ILE C 220 -6.00 21.58 8.35
CA ILE C 220 -6.66 21.52 9.65
C ILE C 220 -7.40 22.83 9.87
N MET C 221 -8.71 22.74 10.10
CA MET C 221 -9.58 23.90 10.25
C MET C 221 -9.86 24.14 11.72
N PHE C 222 -9.71 25.38 12.17
CA PHE C 222 -10.00 25.81 13.54
C PHE C 222 -11.14 26.81 13.49
N LEU C 223 -12.30 26.45 14.04
CA LEU C 223 -13.47 27.33 14.05
C LEU C 223 -13.60 27.89 15.46
N VAL C 224 -13.34 29.19 15.61
CA VAL C 224 -13.45 29.85 16.91
C VAL C 224 -14.27 31.13 16.76
N ALA C 225 -15.02 31.45 17.81
CA ALA C 225 -15.86 32.64 17.82
C ALA C 225 -15.09 33.84 18.35
N LEU C 226 -15.41 35.01 17.81
CA LEU C 226 -14.79 36.27 18.22
C LEU C 226 -15.48 36.92 19.41
N SER C 227 -16.62 36.38 19.86
CA SER C 227 -17.42 36.98 20.92
C SER C 227 -17.16 36.34 22.28
N GLU C 228 -16.17 35.46 22.39
CA GLU C 228 -15.95 34.69 23.61
C GLU C 228 -15.03 35.40 24.61
N TYR C 229 -14.64 36.64 24.33
CA TYR C 229 -13.72 37.35 25.23
C TYR C 229 -14.39 37.76 26.54
N ASP C 230 -15.72 37.82 26.57
CA ASP C 230 -16.46 38.07 27.80
C ASP C 230 -16.78 36.79 28.56
N GLN C 231 -16.38 35.64 28.04
CA GLN C 231 -16.72 34.35 28.61
C GLN C 231 -15.47 33.73 29.23
N VAL C 232 -15.66 32.93 30.28
CA VAL C 232 -14.57 32.25 30.95
C VAL C 232 -14.85 30.75 30.96
N LEU C 233 -13.81 30.00 31.33
CA LEU C 233 -13.86 28.55 31.38
C LEU C 233 -14.82 28.07 32.47
N VAL C 234 -15.11 26.75 32.43
CA VAL C 234 -16.07 26.13 33.37
C VAL C 234 -15.58 26.23 34.82
N GLU C 235 -14.27 26.32 35.03
CA GLU C 235 -13.70 26.52 36.35
C GLU C 235 -14.02 27.89 36.95
N SER C 236 -14.51 28.85 36.15
CA SER C 236 -14.87 30.20 36.56
C SER C 236 -13.72 30.95 37.22
N ASP C 237 -12.52 30.80 36.65
CA ASP C 237 -11.33 31.50 37.13
C ASP C 237 -10.91 32.57 36.12
N ASN C 238 -9.75 33.18 36.37
CA ASN C 238 -9.26 34.29 35.56
C ASN C 238 -8.47 33.72 34.36
N GLU C 239 -9.20 33.02 33.50
CA GLU C 239 -8.65 32.50 32.25
C GLU C 239 -9.72 32.59 31.17
N ASN C 240 -9.37 33.24 30.06
CA ASN C 240 -10.31 33.45 28.97
C ASN C 240 -10.38 32.19 28.12
N ARG C 241 -11.55 31.97 27.50
CA ARG C 241 -11.69 30.89 26.53
C ARG C 241 -10.82 31.10 25.31
N MET C 242 -10.52 32.36 24.95
CA MET C 242 -9.57 32.64 23.90
C MET C 242 -8.16 32.20 24.26
N GLU C 243 -7.81 32.24 25.56
CA GLU C 243 -6.50 31.76 25.99
C GLU C 243 -6.39 30.25 25.82
N GLU C 244 -7.47 29.53 26.15
CA GLU C 244 -7.55 28.09 25.89
C GLU C 244 -7.48 27.80 24.40
N SER C 245 -8.13 28.64 23.58
CA SER C 245 -8.08 28.48 22.13
C SER C 245 -6.66 28.69 21.60
N LYS C 246 -5.94 29.69 22.12
CA LYS C 246 -4.54 29.90 21.74
C LYS C 246 -3.65 28.75 22.17
N ALA C 247 -3.88 28.23 23.39
CA ALA C 247 -3.13 27.07 23.88
C ALA C 247 -3.36 25.85 23.00
N LEU C 248 -4.61 25.61 22.60
CA LEU C 248 -4.93 24.52 21.68
C LEU C 248 -4.31 24.76 20.30
N PHE C 249 -4.36 26.01 19.83
CA PHE C 249 -3.78 26.41 18.55
C PHE C 249 -2.30 26.06 18.47
N ARG C 250 -1.54 26.47 19.50
CA ARG C 250 -0.11 26.21 19.50
C ARG C 250 0.20 24.75 19.78
N THR C 251 -0.62 24.08 20.61
CA THR C 251 -0.41 22.66 20.90
C THR C 251 -0.61 21.80 19.64
N ILE C 252 -1.65 22.08 18.86
CA ILE C 252 -1.90 21.34 17.63
C ILE C 252 -0.83 21.64 16.58
N ILE C 253 -0.43 22.91 16.43
CA ILE C 253 0.60 23.27 15.45
C ILE C 253 1.97 22.66 15.79
N THR C 254 2.32 22.63 17.08
CA THR C 254 3.61 22.04 17.47
C THR C 254 3.66 20.52 17.38
N TYR C 255 2.60 19.83 16.98
CA TYR C 255 2.68 18.39 16.77
C TYR C 255 3.44 18.09 15.48
N PRO C 256 4.40 17.16 15.50
CA PRO C 256 5.21 16.90 14.29
C PRO C 256 4.44 16.28 13.13
N TRP C 257 3.27 15.68 13.37
CA TRP C 257 2.51 15.05 12.30
C TRP C 257 1.77 16.07 11.45
N PHE C 258 1.48 17.25 12.02
CA PHE C 258 0.72 18.29 11.35
C PHE C 258 1.60 19.36 10.71
N GLN C 259 2.91 19.30 10.93
CA GLN C 259 3.90 20.13 10.22
C GLN C 259 4.08 19.75 8.72
N ASN C 260 3.27 18.85 8.15
CA ASN C 260 3.23 18.62 6.72
C ASN C 260 1.93 19.11 6.10
N SER C 261 1.14 19.92 6.81
CA SER C 261 -0.14 20.41 6.31
C SER C 261 -0.37 21.84 6.76
N SER C 262 -1.43 22.45 6.23
CA SER C 262 -1.75 23.85 6.47
C SER C 262 -2.80 24.02 7.56
N VAL C 263 -2.99 25.28 7.96
CA VAL C 263 -3.92 25.67 9.00
C VAL C 263 -4.90 26.68 8.41
N ILE C 264 -6.19 26.47 8.70
CA ILE C 264 -7.27 27.38 8.31
C ILE C 264 -7.94 27.88 9.58
N LEU C 265 -8.13 29.20 9.66
CA LEU C 265 -8.69 29.88 10.83
C LEU C 265 -10.01 30.55 10.48
N PHE C 266 -11.11 30.06 11.07
CA PHE C 266 -12.45 30.62 10.89
C PHE C 266 -12.82 31.43 12.11
N LEU C 267 -13.04 32.74 11.91
CA LEU C 267 -13.40 33.66 13.00
C LEU C 267 -14.89 33.97 12.88
N ASN C 268 -15.67 33.40 13.79
CA ASN C 268 -17.13 33.42 13.74
C ASN C 268 -17.66 34.60 14.56
N LYS C 269 -18.98 34.83 14.46
CA LYS C 269 -19.74 35.79 15.25
C LYS C 269 -19.20 37.22 15.14
N LYS C 270 -18.83 37.62 13.92
CA LYS C 270 -18.32 38.97 13.70
C LYS C 270 -19.39 40.03 13.94
N ASP C 271 -20.66 39.72 13.66
CA ASP C 271 -21.72 40.68 13.96
C ASP C 271 -21.99 40.74 15.46
N LEU C 272 -21.94 39.58 16.13
CA LEU C 272 -22.01 39.56 17.58
C LEU C 272 -20.80 40.24 18.21
N LEU C 273 -19.62 40.11 17.58
CA LEU C 273 -18.44 40.89 17.99
C LEU C 273 -18.71 42.38 17.89
N GLU C 274 -19.34 42.81 16.78
CA GLU C 274 -19.67 44.21 16.56
C GLU C 274 -20.65 44.73 17.62
N ASP C 275 -21.59 43.89 18.03
CA ASP C 275 -22.52 44.31 19.08
C ASP C 275 -21.88 44.29 20.46
N LYS C 276 -21.04 43.28 20.74
CA LYS C 276 -20.44 43.15 22.06
C LYS C 276 -19.38 44.22 22.31
N ILE C 277 -18.62 44.62 21.28
CA ILE C 277 -17.61 45.65 21.46
C ILE C 277 -18.23 47.00 21.82
N LEU C 278 -19.50 47.22 21.45
CA LEU C 278 -20.22 48.41 21.89
C LEU C 278 -20.87 48.20 23.26
N TYR C 279 -21.37 46.98 23.51
CA TYR C 279 -21.85 46.64 24.84
C TYR C 279 -20.74 46.66 25.88
N SER C 280 -19.62 45.98 25.59
CA SER C 280 -18.50 45.86 26.51
C SER C 280 -17.22 46.28 25.80
N HIS C 281 -16.54 47.28 26.35
CA HIS C 281 -15.38 47.87 25.70
C HIS C 281 -14.22 46.88 25.64
N LEU C 282 -13.37 47.06 24.63
CA LEU C 282 -12.27 46.12 24.33
C LEU C 282 -11.04 46.46 25.19
N VAL C 283 -11.20 46.29 26.49
CA VAL C 283 -10.15 46.70 27.43
C VAL C 283 -9.79 45.63 28.45
N ASP C 284 -10.66 44.65 28.74
CA ASP C 284 -10.48 43.85 29.94
C ASP C 284 -9.49 42.70 29.75
N TYR C 285 -9.44 42.12 28.55
CA TYR C 285 -8.54 41.01 28.27
C TYR C 285 -7.42 41.37 27.32
N PHE C 286 -7.30 42.63 26.91
CA PHE C 286 -6.45 43.02 25.78
C PHE C 286 -5.46 44.12 26.19
N PRO C 287 -4.46 43.80 27.03
CA PRO C 287 -3.52 44.84 27.46
C PRO C 287 -2.57 45.31 26.36
N GLU C 288 -2.44 44.56 25.27
CA GLU C 288 -1.54 44.89 24.17
C GLU C 288 -2.25 45.49 22.98
N PHE C 289 -3.54 45.83 23.11
CA PHE C 289 -4.30 46.42 22.02
C PHE C 289 -3.97 47.90 21.88
N ASP C 290 -3.70 48.32 20.64
CA ASP C 290 -3.44 49.71 20.30
C ASP C 290 -4.43 50.12 19.22
N GLY C 291 -5.44 50.89 19.61
CA GLY C 291 -6.48 51.28 18.70
C GLY C 291 -7.73 51.74 19.43
N PRO C 292 -8.73 52.20 18.68
CA PRO C 292 -10.00 52.61 19.32
C PRO C 292 -10.71 51.42 19.94
N GLN C 293 -11.20 51.60 21.17
CA GLN C 293 -11.83 50.52 21.93
C GLN C 293 -13.18 50.10 21.38
N ARG C 294 -13.77 50.85 20.45
CA ARG C 294 -15.04 50.49 19.83
C ARG C 294 -14.88 50.13 18.35
N ASP C 295 -13.65 50.01 17.87
CA ASP C 295 -13.38 49.74 16.46
C ASP C 295 -13.37 48.23 16.27
N ALA C 296 -14.47 47.69 15.73
CA ALA C 296 -14.60 46.24 15.54
C ALA C 296 -13.62 45.72 14.50
N GLN C 297 -13.30 46.52 13.48
CA GLN C 297 -12.32 46.11 12.48
C GLN C 297 -10.92 46.02 13.07
N ALA C 298 -10.56 46.98 13.94
CA ALA C 298 -9.31 46.89 14.68
C ALA C 298 -9.28 45.70 15.63
N ALA C 299 -10.42 45.36 16.22
CA ALA C 299 -10.53 44.16 17.05
C ALA C 299 -10.28 42.89 16.24
N ARG C 300 -10.91 42.79 15.07
CA ARG C 300 -10.71 41.66 14.16
C ARG C 300 -9.25 41.53 13.75
N GLU C 301 -8.65 42.65 13.34
CA GLU C 301 -7.26 42.63 12.88
C GLU C 301 -6.30 42.31 14.03
N PHE C 302 -6.57 42.80 15.23
CA PHE C 302 -5.71 42.54 16.39
C PHE C 302 -5.77 41.08 16.80
N ILE C 303 -6.99 40.51 16.87
CA ILE C 303 -7.16 39.10 17.24
C ILE C 303 -6.54 38.21 16.17
N LEU C 304 -6.74 38.55 14.89
CA LEU C 304 -6.09 37.85 13.79
C LEU C 304 -4.57 37.88 13.91
N LYS C 305 -4.00 39.07 14.16
CA LYS C 305 -2.56 39.22 14.32
C LYS C 305 -2.02 38.38 15.48
N MET C 306 -2.70 38.42 16.64
CA MET C 306 -2.31 37.60 17.78
C MET C 306 -2.34 36.12 17.46
N PHE C 307 -3.34 35.67 16.69
CA PHE C 307 -3.39 34.27 16.30
C PHE C 307 -2.28 33.90 15.32
N VAL C 308 -2.04 34.75 14.32
CA VAL C 308 -1.01 34.47 13.31
C VAL C 308 0.39 34.45 13.93
N ASP C 309 0.66 35.38 14.86
CA ASP C 309 1.97 35.43 15.54
C ASP C 309 2.29 34.21 16.39
N LEU C 310 1.33 33.32 16.66
CA LEU C 310 1.58 32.13 17.46
C LEU C 310 2.29 31.02 16.69
N ASN C 311 2.41 31.14 15.37
CA ASN C 311 3.01 30.09 14.55
C ASN C 311 4.51 30.33 14.43
N PRO C 312 5.35 29.47 15.01
CA PRO C 312 6.80 29.70 14.96
C PRO C 312 7.46 29.29 13.65
N ASP C 313 6.74 28.65 12.74
CA ASP C 313 7.34 28.06 11.55
C ASP C 313 6.91 28.89 10.34
N SER C 314 7.87 29.65 9.79
CA SER C 314 7.64 30.49 8.61
C SER C 314 7.37 29.70 7.34
N ASP C 315 7.62 28.38 7.34
CA ASP C 315 7.32 27.56 6.16
C ASP C 315 5.82 27.45 5.90
N LYS C 316 4.99 27.60 6.93
CA LYS C 316 3.55 27.39 6.81
C LYS C 316 2.80 28.71 6.80
N ILE C 317 1.64 28.69 6.15
CA ILE C 317 0.77 29.86 6.01
C ILE C 317 -0.58 29.51 6.65
N ILE C 318 -1.20 30.50 7.28
CA ILE C 318 -2.53 30.37 7.86
C ILE C 318 -3.54 31.06 6.95
N TYR C 319 -4.56 30.30 6.53
CA TYR C 319 -5.62 30.84 5.68
C TYR C 319 -6.79 31.25 6.57
N SER C 320 -7.04 32.55 6.66
CA SER C 320 -8.00 33.11 7.59
C SER C 320 -9.27 33.58 6.87
N HIS C 321 -10.41 33.41 7.53
CA HIS C 321 -11.69 33.87 7.02
C HIS C 321 -12.55 34.42 8.15
N PHE C 322 -13.30 35.48 7.83
CA PHE C 322 -14.25 36.10 8.74
C PHE C 322 -15.63 35.61 8.37
N THR C 323 -16.29 34.88 9.26
CA THR C 323 -17.54 34.21 8.91
C THR C 323 -18.61 34.61 9.92
N CYS C 324 -19.83 34.20 9.62
CA CYS C 324 -20.99 34.45 10.46
C CYS C 324 -22.07 33.45 10.11
N SER C 325 -23.20 33.53 10.82
CA SER C 325 -24.29 32.57 10.64
C SER C 325 -24.99 32.70 9.30
N THR C 326 -24.80 33.82 8.59
CA THR C 326 -25.47 34.07 7.32
C THR C 326 -24.51 34.04 6.14
N ASP C 327 -23.26 33.65 6.35
CA ASP C 327 -22.25 33.66 5.30
C ASP C 327 -22.30 32.33 4.56
N THR C 328 -22.79 32.36 3.33
CA THR C 328 -22.91 31.14 2.53
C THR C 328 -21.69 30.88 1.66
N GLU C 329 -20.67 31.73 1.75
CA GLU C 329 -19.48 31.60 0.91
C GLU C 329 -18.38 30.78 1.57
N ASN C 330 -18.66 30.20 2.75
CA ASN C 330 -17.66 29.41 3.49
C ASN C 330 -17.15 28.22 2.68
N ILE C 331 -18.03 27.61 1.87
CA ILE C 331 -17.64 26.46 1.05
C ILE C 331 -16.67 26.87 -0.04
N ARG C 332 -16.77 28.10 -0.55
CA ARG C 332 -15.79 28.52 -1.54
C ARG C 332 -14.47 28.91 -0.90
N PHE C 333 -14.51 29.44 0.33
CA PHE C 333 -13.28 29.65 1.09
C PHE C 333 -12.54 28.35 1.33
N VAL C 334 -13.29 27.31 1.74
CA VAL C 334 -12.71 25.98 1.97
C VAL C 334 -12.12 25.43 0.68
N PHE C 335 -12.88 25.50 -0.42
CA PHE C 335 -12.39 25.03 -1.72
C PHE C 335 -11.10 25.75 -2.13
N ALA C 336 -11.09 27.08 -2.05
CA ALA C 336 -9.92 27.87 -2.43
C ALA C 336 -8.72 27.59 -1.54
N ALA C 337 -8.94 27.51 -0.21
CA ALA C 337 -7.87 27.23 0.73
C ALA C 337 -7.28 25.84 0.54
N VAL C 338 -8.14 24.84 0.29
CA VAL C 338 -7.66 23.49 0.05
C VAL C 338 -6.87 23.42 -1.26
N LYS C 339 -7.38 24.08 -2.31
CA LYS C 339 -6.67 24.16 -3.59
C LYS C 339 -5.30 24.79 -3.43
N ASP C 340 -5.23 25.91 -2.69
CA ASP C 340 -3.95 26.57 -2.44
C ASP C 340 -3.01 25.71 -1.62
N THR C 341 -3.56 24.96 -0.64
CA THR C 341 -2.76 24.02 0.15
C THR C 341 -2.14 22.94 -0.74
N ILE C 342 -2.95 22.37 -1.64
CA ILE C 342 -2.49 21.35 -2.58
C ILE C 342 -1.40 21.92 -3.49
N LEU C 343 -1.61 23.15 -3.99
CA LEU C 343 -0.62 23.78 -4.86
C LEU C 343 0.69 24.06 -4.14
N GLN C 344 0.63 24.51 -2.89
CA GLN C 344 1.85 24.74 -2.11
C GLN C 344 2.57 23.44 -1.80
N LEU C 345 1.82 22.38 -1.48
CA LEU C 345 2.43 21.07 -1.25
C LEU C 345 3.10 20.54 -2.51
N ASN C 346 2.48 20.78 -3.67
CA ASN C 346 3.07 20.37 -4.94
C ASN C 346 4.34 21.16 -5.24
N LEU C 347 4.29 22.49 -5.07
CA LEU C 347 5.46 23.34 -5.31
C LEU C 347 6.63 22.98 -4.38
N LYS C 348 6.33 22.65 -3.12
CA LYS C 348 7.41 22.17 -2.24
C LYS C 348 7.93 20.82 -2.70
N GLU C 349 7.03 19.90 -3.07
CA GLU C 349 7.43 18.58 -3.55
C GLU C 349 8.23 18.66 -4.85
N TYR C 350 7.90 19.61 -5.72
CA TYR C 350 8.60 19.83 -6.98
C TYR C 350 9.95 20.53 -6.82
N ASN C 351 10.31 20.95 -5.60
CA ASN C 351 11.55 21.69 -5.30
C ASN C 351 11.62 22.98 -6.11
N LEU C 352 10.50 23.68 -6.21
CA LEU C 352 10.42 24.93 -6.96
C LEU C 352 10.48 26.16 -6.06
N VAL C 353 10.46 25.98 -4.74
CA VAL C 353 10.44 27.08 -3.79
C VAL C 353 11.42 26.78 -2.67
N GLU D 37 -11.84 16.25 55.93
CA GLU D 37 -11.77 14.80 55.76
C GLU D 37 -10.79 14.42 54.67
N LEU D 38 -10.69 15.27 53.64
CA LEU D 38 -9.89 14.99 52.46
C LEU D 38 -8.41 14.86 52.79
N ASP D 39 -7.90 15.74 53.67
CA ASP D 39 -6.49 15.71 54.04
C ASP D 39 -6.14 14.45 54.81
N GLN D 40 -7.05 13.97 55.66
CA GLN D 40 -6.77 12.76 56.44
C GLN D 40 -6.84 11.53 55.57
N LEU D 41 -7.75 11.52 54.60
CA LEU D 41 -7.82 10.43 53.62
C LEU D 41 -6.57 10.41 52.74
N ARG D 42 -6.07 11.59 52.36
CA ARG D 42 -4.84 11.66 51.57
C ARG D 42 -3.63 11.19 52.37
N GLN D 43 -3.57 11.56 53.66
CA GLN D 43 -2.49 11.09 54.53
C GLN D 43 -2.54 9.57 54.72
N GLU D 44 -3.76 9.01 54.89
CA GLU D 44 -3.91 7.56 55.00
C GLU D 44 -3.51 6.86 53.72
N ALA D 45 -3.89 7.44 52.56
CA ALA D 45 -3.50 6.87 51.27
C ALA D 45 -1.99 6.89 51.08
N GLU D 46 -1.34 7.99 51.51
CA GLU D 46 0.12 8.07 51.43
C GLU D 46 0.80 7.06 52.35
N GLN D 47 0.25 6.86 53.55
CA GLN D 47 0.78 5.86 54.46
C GLN D 47 0.60 4.44 53.91
N LEU D 48 -0.54 4.18 53.26
CA LEU D 48 -0.76 2.87 52.65
C LEU D 48 0.18 2.64 51.47
N LYS D 49 0.42 3.67 50.66
CA LYS D 49 1.39 3.57 49.57
C LYS D 49 2.79 3.33 50.10
N ASN D 50 3.15 4.00 51.20
CA ASN D 50 4.46 3.78 51.82
C ASN D 50 4.59 2.36 52.37
N GLN D 51 3.51 1.83 52.94
CA GLN D 51 3.51 0.45 53.42
C GLN D 51 3.65 -0.54 52.26
N ILE D 52 3.00 -0.26 51.13
CA ILE D 52 3.14 -1.10 49.93
C ILE D 52 4.57 -1.06 49.42
N ARG D 53 5.18 0.14 49.36
CA ARG D 53 6.57 0.28 48.93
C ARG D 53 7.51 -0.44 49.87
N ASP D 54 7.26 -0.37 51.18
CA ASP D 54 8.10 -1.04 52.16
C ASP D 54 7.98 -2.56 52.04
N ALA D 55 6.78 -3.07 51.79
CA ALA D 55 6.59 -4.51 51.56
C ALA D 55 7.30 -4.96 50.28
N ARG D 56 7.23 -4.13 49.23
CA ARG D 56 7.91 -4.46 47.97
C ARG D 56 9.42 -4.47 48.13
N LYS D 57 9.97 -3.52 48.91
CA LYS D 57 11.40 -3.56 49.18
C LYS D 57 11.76 -4.73 50.09
N ALA D 58 10.87 -5.05 51.04
CA ALA D 58 11.11 -6.15 51.98
C ALA D 58 11.21 -7.50 51.28
N CYS D 59 10.38 -7.70 50.25
CA CYS D 59 10.42 -8.96 49.52
C CYS D 59 11.43 -8.98 48.38
N ALA D 60 12.10 -7.85 48.10
CA ALA D 60 13.01 -7.75 46.96
C ALA D 60 14.40 -8.23 47.36
N ASP D 61 14.53 -9.55 47.53
CA ASP D 61 15.83 -10.11 47.90
C ASP D 61 16.80 -10.11 46.73
N ALA D 62 16.29 -10.13 45.49
CA ALA D 62 17.13 -10.12 44.30
C ALA D 62 16.27 -9.71 43.11
N THR D 63 16.94 -9.30 42.04
CA THR D 63 16.28 -9.08 40.76
C THR D 63 16.50 -10.28 39.84
N LEU D 64 15.84 -10.23 38.67
CA LEU D 64 15.92 -11.31 37.70
C LEU D 64 17.33 -11.51 37.15
N SER D 65 18.04 -10.41 36.88
CA SER D 65 19.37 -10.46 36.27
C SER D 65 20.44 -11.09 37.17
N GLN D 66 20.18 -11.21 38.47
CA GLN D 66 21.16 -11.78 39.39
C GLN D 66 21.12 -13.29 39.50
N ILE D 67 20.15 -13.94 38.85
CA ILE D 67 20.09 -15.40 38.83
C ILE D 67 20.16 -15.99 37.42
N THR D 68 20.01 -15.17 36.38
CA THR D 68 20.12 -15.62 35.00
C THR D 68 21.56 -15.63 34.48
N ASN D 69 22.55 -15.39 35.36
CA ASN D 69 23.95 -15.45 34.97
C ASN D 69 24.44 -16.86 34.65
N ASN D 70 23.68 -17.89 35.03
CA ASN D 70 24.09 -19.28 34.88
C ASN D 70 23.32 -20.00 33.77
N ILE D 71 22.61 -19.25 32.91
CA ILE D 71 21.88 -19.82 31.79
C ILE D 71 22.46 -19.27 30.50
N ASP D 72 22.53 -20.13 29.48
CA ASP D 72 23.07 -19.75 28.19
C ASP D 72 22.20 -18.70 27.49
N PRO D 73 22.79 -17.80 26.73
CA PRO D 73 21.99 -16.81 25.98
C PRO D 73 21.32 -17.46 24.77
N VAL D 74 20.35 -16.71 24.22
CA VAL D 74 19.68 -17.15 23.00
C VAL D 74 20.60 -17.05 21.79
N GLY D 75 21.59 -16.15 21.82
CA GLY D 75 22.51 -16.03 20.70
C GLY D 75 21.94 -15.18 19.57
N ARG D 76 22.43 -15.46 18.36
CA ARG D 76 22.05 -14.69 17.18
C ARG D 76 20.66 -15.09 16.70
N ILE D 77 19.89 -14.09 16.27
CA ILE D 77 18.56 -14.29 15.72
C ILE D 77 18.62 -14.05 14.22
N GLN D 78 18.23 -15.06 13.44
CA GLN D 78 18.31 -15.01 11.99
C GLN D 78 16.94 -15.25 11.35
N MET D 79 15.91 -14.62 11.90
CA MET D 79 14.58 -14.71 11.33
C MET D 79 14.50 -13.96 10.00
N ARG D 80 13.72 -14.48 9.07
CA ARG D 80 13.55 -13.86 7.76
C ARG D 80 12.08 -13.72 7.44
N THR D 81 11.78 -12.78 6.55
CA THR D 81 10.43 -12.62 6.02
C THR D 81 10.02 -13.84 5.21
N ARG D 82 8.84 -14.38 5.52
CA ARG D 82 8.30 -15.50 4.76
C ARG D 82 7.17 -15.06 3.83
N ARG D 83 6.34 -14.12 4.27
CA ARG D 83 5.23 -13.62 3.47
C ARG D 83 5.15 -12.11 3.60
N THR D 84 4.67 -11.46 2.55
CA THR D 84 4.30 -10.05 2.59
C THR D 84 2.85 -9.92 2.15
N LEU D 85 2.04 -9.22 2.95
CA LEU D 85 0.62 -9.04 2.67
C LEU D 85 0.40 -7.62 2.18
N ARG D 86 0.01 -7.48 0.91
CA ARG D 86 -0.15 -6.17 0.28
C ARG D 86 -1.63 -6.02 -0.10
N GLY D 87 -2.40 -5.36 0.75
CA GLY D 87 -3.83 -5.23 0.50
C GLY D 87 -4.46 -4.01 1.13
N HIS D 88 -3.63 -3.15 1.72
CA HIS D 88 -4.12 -2.00 2.46
C HIS D 88 -3.79 -0.70 1.73
N LEU D 89 -4.72 0.24 1.80
CA LEU D 89 -4.62 1.50 1.07
C LEU D 89 -4.12 2.65 1.93
N ALA D 90 -4.34 2.59 3.24
CA ALA D 90 -3.93 3.63 4.17
C ALA D 90 -3.33 2.96 5.40
N LYS D 91 -3.07 3.78 6.43
CA LYS D 91 -2.36 3.36 7.63
C LYS D 91 -3.04 2.19 8.35
N ILE D 92 -2.26 1.15 8.62
CA ILE D 92 -2.69 0.01 9.43
C ILE D 92 -2.56 0.38 10.90
N TYR D 93 -3.55 0.05 11.73
CA TYR D 93 -3.48 0.39 13.14
C TYR D 93 -3.42 -0.82 14.07
N ALA D 94 -4.05 -1.94 13.73
CA ALA D 94 -4.15 -3.03 14.67
C ALA D 94 -4.21 -4.35 13.92
N MET D 95 -3.79 -5.41 14.60
CA MET D 95 -4.04 -6.76 14.12
C MET D 95 -4.20 -7.73 15.29
N HIS D 96 -4.80 -8.88 14.99
CA HIS D 96 -4.93 -9.96 15.97
C HIS D 96 -4.89 -11.29 15.25
N TRP D 97 -4.00 -12.17 15.70
CA TRP D 97 -3.93 -13.54 15.21
C TRP D 97 -5.13 -14.36 15.63
N GLY D 98 -5.55 -15.28 14.75
CA GLY D 98 -6.49 -16.30 15.15
C GLY D 98 -5.84 -17.43 15.93
N THR D 99 -6.69 -18.16 16.67
CA THR D 99 -6.20 -19.24 17.52
C THR D 99 -5.74 -20.46 16.73
N ASP D 100 -6.09 -20.55 15.45
CA ASP D 100 -5.67 -21.65 14.60
C ASP D 100 -4.35 -21.37 13.88
N SER D 101 -3.74 -20.20 14.13
CA SER D 101 -2.48 -19.72 13.56
C SER D 101 -2.53 -19.53 12.04
N ARG D 102 -3.71 -19.65 11.42
CA ARG D 102 -3.88 -19.59 9.98
C ARG D 102 -4.55 -18.31 9.50
N LEU D 103 -5.54 -17.81 10.21
CA LEU D 103 -6.25 -16.60 9.83
C LEU D 103 -5.81 -15.45 10.73
N LEU D 104 -5.69 -14.25 10.15
CA LEU D 104 -5.48 -13.06 10.96
C LEU D 104 -6.43 -11.95 10.51
N VAL D 105 -6.78 -11.06 11.44
CA VAL D 105 -7.61 -9.91 11.13
C VAL D 105 -6.75 -8.66 11.31
N SER D 106 -6.91 -7.70 10.39
CA SER D 106 -6.18 -6.44 10.48
C SER D 106 -7.12 -5.27 10.19
N ALA D 107 -6.85 -4.14 10.81
CA ALA D 107 -7.65 -2.93 10.68
C ALA D 107 -6.81 -1.80 10.11
N SER D 108 -7.42 -1.00 9.24
CA SER D 108 -6.69 0.08 8.59
C SER D 108 -7.58 1.28 8.36
N GLN D 109 -6.93 2.43 8.11
CA GLN D 109 -7.61 3.72 7.98
C GLN D 109 -8.58 3.78 6.80
N ASP D 110 -8.36 2.95 5.76
CA ASP D 110 -9.17 3.03 4.55
C ASP D 110 -10.58 2.47 4.71
N GLY D 111 -10.96 1.98 5.88
CA GLY D 111 -12.30 1.47 6.10
C GLY D 111 -12.50 0.01 5.81
N LYS D 112 -11.43 -0.72 5.49
CA LYS D 112 -11.50 -2.15 5.25
C LYS D 112 -10.90 -2.88 6.44
N LEU D 113 -11.72 -3.75 7.05
CA LEU D 113 -11.26 -4.68 8.08
C LEU D 113 -10.97 -5.98 7.35
N ILE D 114 -9.70 -6.29 7.13
CA ILE D 114 -9.31 -7.33 6.19
C ILE D 114 -8.84 -8.55 6.96
N ILE D 115 -9.40 -9.70 6.60
CA ILE D 115 -9.03 -10.99 7.17
C ILE D 115 -8.18 -11.72 6.15
N TRP D 116 -6.98 -12.11 6.56
CA TRP D 116 -5.92 -12.65 5.72
C TRP D 116 -5.69 -14.13 6.01
N ASP D 117 -5.40 -14.87 4.94
CA ASP D 117 -4.92 -16.25 5.02
C ASP D 117 -3.40 -16.23 5.05
N SER D 118 -2.82 -16.62 6.20
CA SER D 118 -1.38 -16.45 6.43
C SER D 118 -0.52 -17.34 5.55
N TYR D 119 -1.04 -18.49 5.09
CA TYR D 119 -0.15 -19.40 4.35
C TYR D 119 -0.03 -19.08 2.87
N THR D 120 -1.14 -18.76 2.21
CA THR D 120 -1.17 -18.56 0.76
C THR D 120 -1.35 -17.10 0.36
N THR D 121 -1.23 -16.16 1.32
CA THR D 121 -1.50 -14.72 1.16
C THR D 121 -2.81 -14.42 0.45
N ASN D 122 -3.82 -15.27 0.63
CA ASN D 122 -5.14 -15.01 0.08
C ASN D 122 -5.89 -14.02 0.97
N LYS D 123 -6.75 -13.23 0.36
CA LYS D 123 -7.61 -12.32 1.09
C LYS D 123 -8.91 -13.06 1.41
N VAL D 124 -9.15 -13.28 2.70
CA VAL D 124 -10.34 -14.03 3.12
C VAL D 124 -11.56 -13.12 3.24
N HIS D 125 -11.41 -11.97 3.90
CA HIS D 125 -12.51 -11.00 3.93
C HIS D 125 -11.97 -9.58 3.79
N ALA D 126 -12.80 -8.70 3.24
CA ALA D 126 -12.52 -7.26 3.19
C ALA D 126 -13.78 -6.51 3.65
N ILE D 127 -13.96 -6.41 4.96
CA ILE D 127 -15.23 -5.98 5.53
C ILE D 127 -15.31 -4.45 5.49
N PRO D 128 -16.30 -3.87 4.81
CA PRO D 128 -16.43 -2.41 4.83
C PRO D 128 -16.91 -1.91 6.19
N LEU D 129 -16.34 -0.80 6.65
CA LEU D 129 -16.71 -0.23 7.93
C LEU D 129 -17.61 0.98 7.74
N ARG D 130 -18.52 1.17 8.70
CA ARG D 130 -19.35 2.38 8.70
C ARG D 130 -18.52 3.60 9.07
N SER D 131 -17.54 3.43 9.95
CA SER D 131 -16.61 4.49 10.34
C SER D 131 -15.20 3.99 10.06
N SER D 132 -14.50 4.66 9.15
CA SER D 132 -13.17 4.21 8.75
C SER D 132 -12.09 4.49 9.80
N TRP D 133 -12.38 5.33 10.79
CA TRP D 133 -11.41 5.73 11.80
C TRP D 133 -11.31 4.68 12.90
N VAL D 134 -10.70 3.55 12.56
CA VAL D 134 -10.63 2.37 13.42
C VAL D 134 -9.24 2.32 14.04
N MET D 135 -9.18 2.05 15.35
CA MET D 135 -7.92 1.94 16.05
C MET D 135 -7.59 0.52 16.52
N THR D 136 -8.59 -0.30 16.83
CA THR D 136 -8.35 -1.63 17.37
C THR D 136 -9.19 -2.65 16.62
N CYS D 137 -8.85 -3.93 16.82
CA CYS D 137 -9.65 -5.03 16.29
C CYS D 137 -9.38 -6.27 17.12
N ALA D 138 -10.29 -7.25 16.99
CA ALA D 138 -10.16 -8.50 17.72
C ALA D 138 -10.77 -9.64 16.91
N TYR D 139 -10.25 -10.84 17.13
CA TYR D 139 -10.74 -12.06 16.51
C TYR D 139 -11.21 -13.02 17.60
N ALA D 140 -12.47 -13.47 17.50
CA ALA D 140 -13.04 -14.37 18.49
C ALA D 140 -12.32 -15.72 18.48
N PRO D 141 -12.16 -16.36 19.64
CA PRO D 141 -11.47 -17.67 19.68
C PRO D 141 -12.19 -18.78 18.93
N SER D 142 -13.50 -18.63 18.68
CA SER D 142 -14.24 -19.61 17.90
C SER D 142 -14.17 -19.35 16.40
N GLY D 143 -13.73 -18.16 15.99
CA GLY D 143 -13.76 -17.77 14.61
C GLY D 143 -15.10 -17.29 14.09
N ASN D 144 -16.10 -17.15 14.95
CA ASN D 144 -17.42 -16.74 14.50
C ASN D 144 -17.56 -15.23 14.39
N TYR D 145 -16.85 -14.46 15.21
CA TYR D 145 -17.05 -13.01 15.29
C TYR D 145 -15.72 -12.27 15.18
N VAL D 146 -15.81 -11.01 14.78
CA VAL D 146 -14.71 -10.05 14.91
C VAL D 146 -15.26 -8.79 15.55
N ALA D 147 -14.36 -8.00 16.13
CA ALA D 147 -14.70 -6.71 16.71
C ALA D 147 -13.81 -5.63 16.13
N CYS D 148 -14.32 -4.39 16.20
CA CYS D 148 -13.58 -3.24 15.72
C CYS D 148 -14.13 -2.00 16.41
N GLY D 149 -13.39 -0.90 16.30
CA GLY D 149 -13.89 0.37 16.77
C GLY D 149 -12.79 1.40 16.83
N GLY D 150 -13.20 2.63 17.12
CA GLY D 150 -12.26 3.74 17.17
C GLY D 150 -12.88 5.00 17.72
N LEU D 151 -12.74 6.09 16.96
CA LEU D 151 -13.16 7.42 17.38
C LEU D 151 -14.67 7.61 17.35
N ASP D 152 -15.44 6.63 16.87
CA ASP D 152 -16.90 6.64 16.90
C ASP D 152 -17.46 6.30 18.27
N ASN D 153 -16.62 5.84 19.20
CA ASN D 153 -16.96 5.42 20.56
C ASN D 153 -17.89 4.22 20.59
N ILE D 154 -17.90 3.42 19.52
CA ILE D 154 -18.81 2.28 19.39
C ILE D 154 -17.96 1.05 19.13
N CYS D 155 -18.23 -0.04 19.85
CA CYS D 155 -17.57 -1.31 19.59
C CYS D 155 -18.46 -2.13 18.66
N SER D 156 -18.01 -2.35 17.44
CA SER D 156 -18.84 -3.04 16.46
C SER D 156 -18.40 -4.50 16.37
N ILE D 157 -19.35 -5.41 16.51
CA ILE D 157 -19.09 -6.84 16.45
C ILE D 157 -19.78 -7.38 15.21
N TYR D 158 -18.99 -8.01 14.35
CA TYR D 158 -19.43 -8.58 13.08
C TYR D 158 -19.46 -10.10 13.15
N ASN D 159 -20.44 -10.70 12.47
CA ASN D 159 -20.65 -12.14 12.42
C ASN D 159 -20.05 -12.71 11.13
N LEU D 160 -19.07 -13.61 11.27
CA LEU D 160 -18.42 -14.20 10.11
C LEU D 160 -19.19 -15.38 9.54
N LYS D 161 -20.08 -16.00 10.31
CA LYS D 161 -20.75 -17.24 9.91
C LYS D 161 -22.25 -16.96 9.86
N THR D 162 -22.70 -16.55 8.69
CA THR D 162 -24.08 -16.11 8.46
C THR D 162 -24.68 -16.94 7.33
N ARG D 163 -26.01 -17.03 7.35
CA ARG D 163 -26.73 -17.69 6.26
C ARG D 163 -26.60 -16.91 4.97
N GLU D 164 -26.64 -15.57 5.06
CA GLU D 164 -26.61 -14.72 3.88
C GLU D 164 -25.27 -14.72 3.17
N GLY D 165 -24.20 -15.13 3.86
CA GLY D 165 -22.88 -15.23 3.26
C GLY D 165 -22.04 -13.98 3.33
N ASN D 166 -22.65 -12.82 3.55
CA ASN D 166 -21.93 -11.56 3.67
C ASN D 166 -21.75 -11.19 5.15
N VAL D 167 -20.75 -10.37 5.41
CA VAL D 167 -20.46 -9.92 6.76
C VAL D 167 -21.24 -8.63 7.00
N ARG D 168 -22.07 -8.63 8.05
CA ARG D 168 -22.95 -7.53 8.38
C ARG D 168 -22.75 -7.20 9.86
N VAL D 169 -23.29 -6.05 10.28
CA VAL D 169 -23.20 -5.65 11.67
C VAL D 169 -24.08 -6.57 12.51
N SER D 170 -23.50 -7.17 13.55
CA SER D 170 -24.29 -7.90 14.52
C SER D 170 -24.56 -7.10 15.80
N ARG D 171 -23.58 -6.34 16.29
CA ARG D 171 -23.77 -5.55 17.51
C ARG D 171 -23.06 -4.21 17.40
N GLU D 172 -23.71 -3.15 17.90
CA GLU D 172 -23.09 -1.84 18.08
C GLU D 172 -23.07 -1.46 19.56
N LEU D 173 -21.95 -1.72 20.23
CA LEU D 173 -21.79 -1.52 21.67
C LEU D 173 -21.35 -0.08 21.94
N ALA D 174 -22.31 0.85 21.91
CA ALA D 174 -22.02 2.26 22.15
C ALA D 174 -22.19 2.54 23.64
N GLY D 175 -21.08 2.72 24.35
CA GLY D 175 -21.15 3.06 25.77
C GLY D 175 -19.98 3.84 26.32
N HIS D 176 -19.34 4.69 25.51
CA HIS D 176 -18.18 5.42 25.98
C HIS D 176 -18.20 6.86 25.48
N THR D 177 -17.46 7.71 26.19
CA THR D 177 -17.28 9.09 25.79
C THR D 177 -15.91 9.35 25.16
N GLY D 178 -14.97 8.41 25.27
CA GLY D 178 -13.68 8.54 24.67
C GLY D 178 -13.49 7.44 23.63
N TYR D 179 -12.37 7.51 22.91
CA TYR D 179 -12.10 6.58 21.81
C TYR D 179 -11.93 5.15 22.32
N LEU D 180 -12.35 4.20 21.50
CA LEU D 180 -12.14 2.79 21.83
C LEU D 180 -10.71 2.42 21.47
N SER D 181 -9.92 2.10 22.49
CA SER D 181 -8.50 1.85 22.30
C SER D 181 -8.17 0.38 22.13
N CYS D 182 -8.95 -0.53 22.73
CA CYS D 182 -8.62 -1.94 22.63
C CYS D 182 -9.83 -2.78 22.93
N CYS D 183 -10.01 -3.86 22.16
CA CYS D 183 -11.03 -4.86 22.42
C CYS D 183 -10.40 -6.25 22.27
N ARG D 184 -10.81 -7.18 23.12
CA ARG D 184 -10.40 -8.58 23.01
C ARG D 184 -11.57 -9.47 23.43
N PHE D 185 -11.78 -10.54 22.68
CA PHE D 185 -12.87 -11.48 22.99
C PHE D 185 -12.48 -12.44 24.11
N LEU D 186 -13.45 -12.73 24.96
CA LEU D 186 -13.37 -13.88 25.85
C LEU D 186 -14.04 -15.10 25.22
N ASP D 187 -15.25 -14.90 24.71
CA ASP D 187 -16.00 -15.90 23.95
C ASP D 187 -16.93 -15.16 23.00
N ASP D 188 -17.99 -15.83 22.55
CA ASP D 188 -18.97 -15.21 21.68
C ASP D 188 -20.04 -14.44 22.46
N ASN D 189 -20.00 -14.50 23.80
CA ASN D 189 -20.99 -13.84 24.65
C ASN D 189 -20.44 -12.67 25.43
N GLN D 190 -19.16 -12.67 25.78
CA GLN D 190 -18.55 -11.64 26.60
C GLN D 190 -17.31 -11.11 25.91
N ILE D 191 -17.14 -9.79 25.89
CA ILE D 191 -15.96 -9.17 25.31
C ILE D 191 -15.42 -8.12 26.28
N VAL D 192 -14.09 -8.05 26.41
CA VAL D 192 -13.43 -7.07 27.28
C VAL D 192 -12.91 -5.93 26.42
N THR D 193 -13.30 -4.70 26.76
CA THR D 193 -12.83 -3.53 26.03
C THR D 193 -12.22 -2.53 27.00
N SER D 194 -11.37 -1.69 26.46
CA SER D 194 -10.83 -0.53 27.16
C SER D 194 -10.88 0.65 26.21
N SER D 195 -11.19 1.82 26.77
CA SER D 195 -11.44 3.01 25.97
C SER D 195 -10.76 4.20 26.61
N GLY D 196 -10.90 5.35 25.95
CA GLY D 196 -10.32 6.62 26.35
C GLY D 196 -11.08 7.43 27.37
N ASP D 197 -12.18 6.91 27.91
CA ASP D 197 -12.96 7.62 28.93
C ASP D 197 -12.60 7.18 30.35
N THR D 198 -11.37 6.69 30.55
CA THR D 198 -10.76 6.19 31.79
C THR D 198 -11.39 4.88 32.30
N THR D 199 -12.42 4.37 31.64
CA THR D 199 -13.17 3.21 32.09
C THR D 199 -12.79 2.00 31.23
N CYS D 200 -12.59 0.85 31.88
CA CYS D 200 -12.59 -0.42 31.15
C CYS D 200 -13.93 -1.11 31.33
N ALA D 201 -14.32 -1.94 30.38
CA ALA D 201 -15.65 -2.53 30.46
C ALA D 201 -15.66 -3.99 30.03
N LEU D 202 -16.47 -4.78 30.75
CA LEU D 202 -16.87 -6.11 30.32
C LEU D 202 -18.27 -6.01 29.74
N TRP D 203 -18.39 -6.28 28.44
CA TRP D 203 -19.62 -6.17 27.68
C TRP D 203 -20.24 -7.55 27.45
N ASP D 204 -21.56 -7.62 27.61
CA ASP D 204 -22.33 -8.82 27.28
C ASP D 204 -22.79 -8.68 25.83
N ILE D 205 -22.28 -9.56 24.96
CA ILE D 205 -22.49 -9.41 23.52
C ILE D 205 -23.95 -9.66 23.15
N GLU D 206 -24.58 -10.68 23.74
CA GLU D 206 -25.94 -11.07 23.38
C GLU D 206 -26.96 -10.01 23.79
N THR D 207 -26.76 -9.38 24.95
CA THR D 207 -27.71 -8.37 25.41
C THR D 207 -27.47 -7.03 24.72
N GLY D 208 -26.20 -6.68 24.49
CA GLY D 208 -25.84 -5.38 23.99
C GLY D 208 -25.56 -4.34 25.06
N GLN D 209 -25.62 -4.72 26.33
CA GLN D 209 -25.35 -3.84 27.46
C GLN D 209 -24.07 -4.26 28.16
N GLN D 210 -23.55 -3.35 28.98
CA GLN D 210 -22.33 -3.63 29.74
C GLN D 210 -22.63 -4.61 30.87
N THR D 211 -21.74 -5.58 31.06
CA THR D 211 -21.86 -6.42 32.24
C THR D 211 -21.30 -5.69 33.46
N THR D 212 -20.12 -5.08 33.32
CA THR D 212 -19.54 -4.36 34.45
C THR D 212 -18.51 -3.34 33.95
N THR D 213 -18.28 -2.32 34.78
CA THR D 213 -17.32 -1.26 34.49
C THR D 213 -16.16 -1.34 35.46
N PHE D 214 -15.03 -0.76 35.03
CA PHE D 214 -13.74 -0.79 35.73
C PHE D 214 -13.23 0.65 35.80
N THR D 215 -13.77 1.41 36.74
CA THR D 215 -13.53 2.85 36.84
C THR D 215 -12.36 3.09 37.79
N GLY D 216 -11.17 2.65 37.36
CA GLY D 216 -10.01 2.78 38.22
C GLY D 216 -8.94 3.72 37.72
N HIS D 217 -8.89 3.94 36.42
CA HIS D 217 -7.86 4.75 35.80
C HIS D 217 -8.24 6.22 35.85
N THR D 218 -7.22 7.09 35.82
CA THR D 218 -7.43 8.52 35.83
C THR D 218 -7.19 9.16 34.46
N GLY D 219 -6.50 8.46 33.56
CA GLY D 219 -6.25 8.93 32.22
C GLY D 219 -6.77 7.92 31.22
N ASP D 220 -6.63 8.29 29.93
CA ASP D 220 -7.05 7.43 28.83
C ASP D 220 -6.36 6.06 28.87
N VAL D 221 -7.16 5.00 28.81
CA VAL D 221 -6.65 3.63 28.84
C VAL D 221 -6.32 3.21 27.42
N MET D 222 -5.09 2.75 27.20
CA MET D 222 -4.63 2.51 25.84
C MET D 222 -4.69 1.04 25.40
N SER D 223 -4.50 0.07 26.29
CA SER D 223 -4.44 -1.31 25.83
C SER D 223 -4.80 -2.27 26.96
N LEU D 224 -5.20 -3.48 26.57
CA LEU D 224 -5.41 -4.58 27.49
C LEU D 224 -4.86 -5.87 26.87
N SER D 225 -4.43 -6.78 27.73
CA SER D 225 -3.99 -8.11 27.32
C SER D 225 -4.64 -9.13 28.23
N LEU D 226 -5.28 -10.14 27.64
CA LEU D 226 -6.00 -11.15 28.40
C LEU D 226 -5.11 -12.31 28.84
N ALA D 227 -5.40 -12.83 30.03
CA ALA D 227 -4.80 -14.07 30.50
C ALA D 227 -5.35 -15.25 29.67
N PRO D 228 -4.56 -16.31 29.48
CA PRO D 228 -5.07 -17.49 28.77
C PRO D 228 -6.24 -18.20 29.45
N ASP D 229 -6.43 -18.03 30.76
CA ASP D 229 -7.55 -18.66 31.46
C ASP D 229 -8.77 -17.75 31.59
N THR D 230 -8.73 -16.58 30.94
CA THR D 230 -9.80 -15.57 30.83
C THR D 230 -10.25 -14.98 32.17
N ARG D 231 -9.54 -15.25 33.28
CA ARG D 231 -9.98 -14.74 34.56
C ARG D 231 -9.45 -13.34 34.87
N LEU D 232 -8.26 -12.99 34.41
CA LEU D 232 -7.64 -11.72 34.74
C LEU D 232 -7.20 -11.03 33.46
N PHE D 233 -7.03 -9.71 33.54
CA PHE D 233 -6.34 -9.00 32.46
C PHE D 233 -5.61 -7.80 33.03
N VAL D 234 -4.69 -7.26 32.25
CA VAL D 234 -3.89 -6.10 32.65
C VAL D 234 -4.19 -4.96 31.69
N SER D 235 -4.48 -3.78 32.25
CA SER D 235 -4.70 -2.58 31.45
C SER D 235 -3.71 -1.49 31.86
N GLY D 236 -3.41 -0.61 30.91
CA GLY D 236 -2.50 0.49 31.18
C GLY D 236 -3.04 1.78 30.58
N ALA D 237 -2.54 2.89 31.10
CA ALA D 237 -3.16 4.17 30.84
C ALA D 237 -2.12 5.28 30.86
N CYS D 238 -2.56 6.49 30.52
CA CYS D 238 -1.72 7.68 30.50
C CYS D 238 -1.22 8.11 31.88
N ASP D 239 -1.72 7.54 32.97
CA ASP D 239 -1.27 7.86 34.31
C ASP D 239 -0.04 7.06 34.73
N ALA D 240 0.60 6.36 33.79
CA ALA D 240 1.89 5.66 33.98
C ALA D 240 1.80 4.60 35.08
N SER D 241 0.70 3.84 35.09
CA SER D 241 0.53 2.78 36.07
C SER D 241 -0.35 1.69 35.48
N ALA D 242 0.11 0.44 35.60
CA ALA D 242 -0.65 -0.70 35.12
C ALA D 242 -1.59 -1.22 36.21
N LYS D 243 -2.74 -1.72 35.80
CA LYS D 243 -3.72 -2.23 36.74
C LYS D 243 -4.17 -3.62 36.33
N LEU D 244 -4.18 -4.54 37.28
CA LEU D 244 -4.70 -5.89 37.09
C LEU D 244 -6.18 -5.92 37.45
N TRP D 245 -7.03 -6.30 36.50
CA TRP D 245 -8.46 -6.33 36.73
C TRP D 245 -8.97 -7.77 36.70
N ASP D 246 -9.88 -8.05 37.62
CA ASP D 246 -10.60 -9.31 37.71
C ASP D 246 -11.90 -9.21 36.93
N VAL D 247 -12.05 -10.06 35.90
CA VAL D 247 -13.16 -9.98 34.95
C VAL D 247 -14.50 -10.13 35.67
N ARG D 248 -14.61 -11.11 36.57
CA ARG D 248 -15.88 -11.45 37.19
C ARG D 248 -16.19 -10.66 38.46
N GLU D 249 -15.17 -10.42 39.30
CA GLU D 249 -15.44 -9.77 40.59
C GLU D 249 -15.72 -8.29 40.43
N GLY D 250 -15.09 -7.63 39.46
CA GLY D 250 -15.26 -6.21 39.27
C GLY D 250 -14.37 -5.30 40.09
N MET D 251 -13.22 -5.80 40.54
CA MET D 251 -12.30 -5.00 41.36
C MET D 251 -10.90 -5.08 40.77
N CYS D 252 -10.09 -4.08 41.09
CA CYS D 252 -8.68 -4.06 40.69
C CYS D 252 -7.86 -4.79 41.74
N ARG D 253 -7.03 -5.74 41.30
CA ARG D 253 -6.22 -6.50 42.24
C ARG D 253 -4.84 -5.89 42.51
N GLN D 254 -4.22 -5.25 41.52
CA GLN D 254 -2.86 -4.74 41.69
C GLN D 254 -2.67 -3.47 40.88
N THR D 255 -1.97 -2.50 41.47
CA THR D 255 -1.60 -1.26 40.80
C THR D 255 -0.08 -1.14 40.79
N PHE D 256 0.49 -0.88 39.61
CA PHE D 256 1.93 -0.82 39.38
C PHE D 256 2.28 0.56 38.85
N THR D 257 2.67 1.47 39.73
CA THR D 257 3.06 2.83 39.36
C THR D 257 4.55 2.89 39.04
N GLY D 258 4.95 2.10 38.05
CA GLY D 258 6.35 1.92 37.74
C GLY D 258 6.85 2.61 36.48
N HIS D 259 5.99 3.39 35.84
CA HIS D 259 6.32 4.02 34.56
C HIS D 259 6.53 5.51 34.71
N GLU D 260 7.30 6.07 33.79
CA GLU D 260 7.52 7.51 33.71
C GLU D 260 6.61 8.21 32.70
N SER D 261 6.00 7.47 31.78
CA SER D 261 5.24 8.06 30.70
C SER D 261 4.09 7.14 30.32
N ASP D 262 3.31 7.58 29.32
CA ASP D 262 2.10 6.90 28.89
C ASP D 262 2.35 5.46 28.45
N ILE D 263 1.55 4.53 28.97
CA ILE D 263 1.64 3.13 28.59
C ILE D 263 0.92 2.94 27.26
N ASN D 264 1.58 2.28 26.31
CA ASN D 264 1.00 2.14 24.98
C ASN D 264 0.46 0.75 24.70
N ALA D 265 1.15 -0.30 25.12
CA ALA D 265 0.78 -1.66 24.73
C ALA D 265 1.18 -2.63 25.83
N ILE D 266 0.44 -3.73 25.93
CA ILE D 266 0.65 -4.75 26.96
C ILE D 266 0.55 -6.12 26.28
N CYS D 267 1.42 -7.05 26.68
CA CYS D 267 1.27 -8.44 26.31
C CYS D 267 1.48 -9.27 27.57
N PHE D 268 0.61 -10.25 27.78
CA PHE D 268 0.62 -11.05 28.99
C PHE D 268 1.58 -12.23 28.82
N PHE D 269 2.34 -12.53 29.88
CA PHE D 269 3.24 -13.68 29.85
C PHE D 269 2.44 -14.98 29.91
N PRO D 270 2.82 -16.01 29.15
CA PRO D 270 2.00 -17.24 29.05
C PRO D 270 1.74 -18.02 30.35
N ASN D 271 2.54 -17.88 31.41
CA ASN D 271 2.32 -18.74 32.58
C ASN D 271 1.27 -18.23 33.54
N GLY D 272 0.69 -17.07 33.28
CA GLY D 272 -0.37 -16.52 34.11
C GLY D 272 0.09 -15.73 35.32
N ASN D 273 1.38 -15.66 35.61
CA ASN D 273 1.86 -14.94 36.77
C ASN D 273 2.71 -13.70 36.46
N ALA D 274 2.73 -13.23 35.21
CA ALA D 274 3.60 -12.12 34.83
C ALA D 274 3.07 -11.49 33.56
N PHE D 275 3.62 -10.31 33.24
CA PHE D 275 3.26 -9.60 32.01
C PHE D 275 4.38 -8.62 31.67
N ALA D 276 4.32 -8.05 30.46
CA ALA D 276 5.27 -7.04 30.04
C ALA D 276 4.54 -5.86 29.39
N THR D 277 5.07 -4.66 29.63
CA THR D 277 4.45 -3.42 29.18
C THR D 277 5.45 -2.57 28.42
N GLY D 278 4.93 -1.74 27.52
CA GLY D 278 5.73 -0.73 26.84
C GLY D 278 5.22 0.68 26.99
N SER D 279 6.10 1.67 26.87
CA SER D 279 5.71 3.06 27.11
C SER D 279 6.57 3.99 26.27
N ASP D 280 6.24 5.28 26.32
CA ASP D 280 6.93 6.31 25.55
C ASP D 280 8.36 6.59 26.01
N ASP D 281 8.74 6.14 27.21
CA ASP D 281 10.07 6.45 27.75
C ASP D 281 11.16 5.50 27.27
N ALA D 282 10.87 4.67 26.25
CA ALA D 282 11.79 3.79 25.52
C ALA D 282 12.27 2.62 26.36
N THR D 283 11.70 2.42 27.54
CA THR D 283 12.01 1.30 28.41
C THR D 283 10.84 0.33 28.39
N CYS D 284 11.11 -0.93 28.11
CA CYS D 284 10.09 -1.98 28.14
C CYS D 284 10.21 -2.71 29.46
N ARG D 285 9.12 -2.79 30.20
CA ARG D 285 9.17 -3.19 31.60
C ARG D 285 8.49 -4.53 31.80
N LEU D 286 9.21 -5.48 32.38
CA LEU D 286 8.72 -6.82 32.67
C LEU D 286 8.32 -6.87 34.14
N PHE D 287 7.01 -7.02 34.37
CA PHE D 287 6.39 -7.02 35.68
C PHE D 287 5.96 -8.44 36.05
N ASP D 288 6.02 -8.75 37.34
CA ASP D 288 5.56 -10.04 37.86
C ASP D 288 4.39 -9.84 38.81
N LEU D 289 3.31 -10.60 38.59
CA LEU D 289 2.08 -10.42 39.34
C LEU D 289 2.23 -10.87 40.79
N ARG D 290 2.84 -12.03 41.00
CA ARG D 290 3.01 -12.56 42.36
C ARG D 290 4.07 -11.78 43.15
N ALA D 291 5.10 -11.27 42.48
CA ALA D 291 6.08 -10.45 43.17
C ALA D 291 5.57 -9.05 43.49
N ASP D 292 4.55 -8.58 42.76
CA ASP D 292 3.91 -7.26 42.95
C ASP D 292 4.90 -6.11 42.82
N GLN D 293 5.76 -6.18 41.80
CA GLN D 293 6.77 -5.17 41.47
C GLN D 293 7.38 -5.54 40.13
N GLU D 294 8.32 -4.72 39.67
CA GLU D 294 8.96 -4.94 38.39
C GLU D 294 10.05 -5.99 38.47
N LEU D 295 10.17 -6.81 37.42
CA LEU D 295 11.29 -7.72 37.31
C LEU D 295 12.45 -7.17 36.49
N MET D 296 12.18 -6.43 35.40
CA MET D 296 13.31 -6.02 34.56
C MET D 296 13.01 -4.84 33.65
N THR D 297 14.00 -3.96 33.50
CA THR D 297 13.93 -2.81 32.59
C THR D 297 14.70 -3.14 31.31
N TYR D 298 14.10 -2.85 30.16
CA TYR D 298 14.78 -2.91 28.86
C TYR D 298 15.00 -1.51 28.29
N SER D 299 16.27 -1.15 28.12
CA SER D 299 16.65 0.12 27.52
C SER D 299 17.99 -0.04 26.81
N HIS D 300 18.29 0.93 25.93
CA HIS D 300 19.56 0.93 25.21
C HIS D 300 19.91 2.37 24.86
N ASP D 301 21.22 2.65 24.80
CA ASP D 301 21.74 3.99 24.55
C ASP D 301 21.27 4.60 23.23
N ASN D 302 21.09 3.80 22.17
CA ASN D 302 20.73 4.37 20.88
C ASN D 302 19.23 4.32 20.61
N ILE D 303 18.43 4.06 21.64
CA ILE D 303 16.98 4.07 21.53
C ILE D 303 16.44 5.24 22.34
N ILE D 304 15.83 6.20 21.66
CA ILE D 304 15.20 7.36 22.28
C ILE D 304 13.72 7.44 21.95
N CYS D 305 13.20 6.54 21.14
CA CYS D 305 11.83 6.56 20.65
C CYS D 305 10.94 5.65 21.50
N GLY D 306 9.67 6.03 21.58
CA GLY D 306 8.69 5.28 22.35
C GLY D 306 8.32 3.94 21.75
N ILE D 307 7.59 3.17 22.54
CA ILE D 307 7.18 1.81 22.22
C ILE D 307 5.72 1.86 21.78
N THR D 308 5.40 1.21 20.66
CA THR D 308 4.03 1.17 20.18
C THR D 308 3.34 -0.20 20.28
N SER D 309 4.10 -1.29 20.32
CA SER D 309 3.50 -2.61 20.38
C SER D 309 4.49 -3.60 20.99
N VAL D 310 3.94 -4.62 21.65
CA VAL D 310 4.71 -5.67 22.31
C VAL D 310 4.01 -7.01 22.10
N SER D 311 4.80 -8.09 22.11
CA SER D 311 4.28 -9.44 22.07
C SER D 311 5.32 -10.41 22.61
N PHE D 312 4.84 -11.57 23.06
CA PHE D 312 5.68 -12.66 23.53
C PHE D 312 5.78 -13.78 22.51
N SER D 313 6.91 -14.48 22.55
CA SER D 313 7.06 -15.77 21.89
C SER D 313 6.34 -16.85 22.70
N LYS D 314 6.23 -18.05 22.11
CA LYS D 314 5.47 -19.15 22.70
C LYS D 314 6.00 -19.54 24.08
N SER D 315 7.33 -19.66 24.21
CA SER D 315 7.95 -20.03 25.47
C SER D 315 8.09 -18.85 26.43
N GLY D 316 7.92 -17.62 25.94
CA GLY D 316 8.22 -16.45 26.74
C GLY D 316 9.68 -16.08 26.80
N ARG D 317 10.57 -16.84 26.15
CA ARG D 317 12.00 -16.56 26.22
C ARG D 317 12.37 -15.33 25.39
N LEU D 318 11.69 -15.12 24.27
CA LEU D 318 11.97 -13.98 23.39
C LEU D 318 10.83 -12.99 23.50
N LEU D 319 11.15 -11.74 23.85
CA LEU D 319 10.18 -10.67 23.90
C LEU D 319 10.32 -9.80 22.67
N LEU D 320 9.20 -9.52 22.01
CA LEU D 320 9.19 -8.74 20.79
C LEU D 320 8.57 -7.38 21.07
N ALA D 321 9.20 -6.31 20.58
CA ALA D 321 8.62 -5.00 20.80
C ALA D 321 8.77 -4.13 19.56
N GLY D 322 7.71 -3.42 19.20
CA GLY D 322 7.75 -2.49 18.08
C GLY D 322 7.99 -1.07 18.58
N TYR D 323 8.83 -0.34 17.83
CA TYR D 323 9.28 0.99 18.23
C TYR D 323 9.04 1.95 17.07
N ASP D 324 9.14 3.25 17.38
CA ASP D 324 9.12 4.32 16.37
C ASP D 324 10.39 4.38 15.51
N ASP D 325 11.34 3.46 15.71
CA ASP D 325 12.56 3.32 14.93
C ASP D 325 12.37 2.55 13.63
N PHE D 326 11.11 2.24 13.27
CA PHE D 326 10.69 1.60 12.01
C PHE D 326 11.10 0.13 11.95
N ASN D 327 11.24 -0.52 13.11
CA ASN D 327 11.62 -1.92 13.15
C ASN D 327 11.00 -2.59 14.38
N CYS D 328 11.23 -3.89 14.51
CA CYS D 328 10.78 -4.65 15.66
C CYS D 328 12.00 -5.30 16.30
N ASN D 329 12.16 -5.08 17.59
CA ASN D 329 13.30 -5.61 18.33
C ASN D 329 13.00 -6.92 19.04
N VAL D 330 13.97 -7.83 18.96
CA VAL D 330 13.95 -9.15 19.57
C VAL D 330 14.85 -9.05 20.79
N TRP D 331 14.28 -9.19 21.98
CA TRP D 331 14.99 -9.04 23.24
C TRP D 331 14.97 -10.35 24.00
N ASP D 332 16.12 -10.73 24.54
CA ASP D 332 16.25 -11.96 25.33
C ASP D 332 15.67 -11.66 26.70
N ALA D 333 14.47 -12.20 26.98
CA ALA D 333 13.70 -11.84 28.16
C ALA D 333 14.34 -12.27 29.48
N LEU D 334 15.32 -13.18 29.45
CA LEU D 334 15.95 -13.64 30.69
C LEU D 334 17.35 -13.09 30.87
N LYS D 335 18.12 -12.98 29.79
CA LYS D 335 19.50 -12.52 29.86
C LYS D 335 19.65 -11.01 29.82
N ALA D 336 18.58 -10.30 29.41
CA ALA D 336 18.44 -8.85 29.24
C ALA D 336 19.19 -8.30 28.03
N ASP D 337 19.91 -9.15 27.29
CA ASP D 337 20.71 -8.71 26.16
C ASP D 337 19.85 -8.52 24.91
N ARG D 338 20.38 -7.74 23.97
CA ARG D 338 19.71 -7.49 22.71
C ARG D 338 19.94 -8.67 21.77
N ALA D 339 18.86 -9.35 21.39
CA ALA D 339 19.00 -10.57 20.61
C ALA D 339 18.96 -10.34 19.09
N GLY D 340 18.13 -9.42 18.62
CA GLY D 340 18.07 -9.20 17.19
C GLY D 340 17.13 -8.07 16.82
N VAL D 341 16.95 -7.90 15.51
CA VAL D 341 16.06 -6.87 14.98
C VAL D 341 15.49 -7.38 13.65
N LEU D 342 14.20 -7.11 13.45
CA LEU D 342 13.47 -7.35 12.20
C LEU D 342 13.06 -6.00 11.62
N ALA D 343 13.71 -5.58 10.53
CA ALA D 343 13.55 -4.24 9.98
C ALA D 343 13.08 -4.36 8.53
N GLY D 344 11.79 -4.61 8.35
CA GLY D 344 11.19 -4.75 7.04
C GLY D 344 10.10 -3.74 6.72
N HIS D 345 10.04 -2.65 7.47
CA HIS D 345 8.99 -1.64 7.31
C HIS D 345 9.61 -0.26 7.14
N ASP D 346 8.88 0.60 6.43
CA ASP D 346 9.33 1.96 6.14
C ASP D 346 8.70 3.03 7.01
N ASN D 347 7.44 2.87 7.43
CA ASN D 347 6.76 3.88 8.22
C ASN D 347 6.66 3.37 9.66
N ARG D 348 6.04 4.17 10.53
CA ARG D 348 5.95 3.87 11.96
C ARG D 348 5.24 2.53 12.21
N VAL D 349 5.84 1.71 13.07
CA VAL D 349 5.25 0.42 13.41
C VAL D 349 4.07 0.63 14.35
N SER D 350 2.92 0.07 13.98
CA SER D 350 1.69 0.24 14.73
C SER D 350 1.21 -1.02 15.43
N CYS D 351 1.48 -2.21 14.88
CA CYS D 351 0.92 -3.41 15.48
C CYS D 351 1.89 -4.57 15.35
N LEU D 352 1.81 -5.47 16.33
CA LEU D 352 2.70 -6.63 16.45
C LEU D 352 1.94 -7.77 17.10
N GLY D 353 2.08 -8.97 16.54
CA GLY D 353 1.45 -10.13 17.15
C GLY D 353 2.20 -11.41 16.83
N VAL D 354 1.90 -12.43 17.63
CA VAL D 354 2.51 -13.76 17.53
C VAL D 354 1.37 -14.76 17.58
N THR D 355 1.52 -15.85 16.84
CA THR D 355 0.55 -16.95 16.85
C THR D 355 0.53 -17.61 18.22
N ASP D 356 -0.59 -18.29 18.52
CA ASP D 356 -0.76 -18.93 19.82
C ASP D 356 0.22 -20.09 20.02
N ASP D 357 0.68 -20.70 18.95
CA ASP D 357 1.73 -21.71 19.03
C ASP D 357 3.12 -21.14 18.78
N GLY D 358 3.25 -19.82 18.63
CA GLY D 358 4.53 -19.20 18.39
C GLY D 358 5.09 -19.36 17.01
N MET D 359 4.32 -19.92 16.07
CA MET D 359 4.82 -20.30 14.75
C MET D 359 5.38 -19.12 13.95
N ALA D 360 4.75 -17.96 14.04
CA ALA D 360 5.09 -16.85 13.17
C ALA D 360 4.96 -15.52 13.91
N VAL D 361 5.72 -14.54 13.45
CA VAL D 361 5.64 -13.17 13.97
C VAL D 361 5.02 -12.31 12.88
N ALA D 362 4.04 -11.48 13.24
CA ALA D 362 3.43 -10.57 12.29
C ALA D 362 3.61 -9.13 12.74
N THR D 363 4.03 -8.27 11.82
CA THR D 363 4.20 -6.85 12.10
C THR D 363 3.37 -6.06 11.09
N GLY D 364 2.93 -4.89 11.53
CA GLY D 364 2.29 -3.96 10.62
C GLY D 364 2.58 -2.52 10.95
N SER D 365 2.72 -1.71 9.89
CA SER D 365 3.10 -0.32 9.98
C SER D 365 2.15 0.53 9.15
N TRP D 366 2.30 1.85 9.29
CA TRP D 366 1.48 2.84 8.59
C TRP D 366 1.76 2.91 7.09
N ASP D 367 2.79 2.21 6.59
CA ASP D 367 3.11 2.14 5.16
C ASP D 367 2.19 1.21 4.36
N SER D 368 1.13 0.68 4.99
CA SER D 368 0.05 -0.12 4.39
C SER D 368 0.52 -1.52 4.00
N PHE D 369 1.65 -1.96 4.52
CA PHE D 369 2.12 -3.32 4.33
C PHE D 369 2.08 -4.08 5.65
N LEU D 370 1.82 -5.38 5.57
CA LEU D 370 2.03 -6.31 6.66
C LEU D 370 3.23 -7.18 6.33
N LYS D 371 3.96 -7.58 7.37
CA LYS D 371 5.08 -8.50 7.17
C LYS D 371 4.96 -9.68 8.12
N ILE D 372 5.32 -10.86 7.64
CA ILE D 372 5.36 -12.08 8.44
C ILE D 372 6.79 -12.58 8.49
N TRP D 373 7.29 -12.80 9.71
CA TRP D 373 8.66 -13.17 9.99
C TRP D 373 8.67 -14.57 10.59
N ASN D 374 9.75 -15.31 10.33
CA ASN D 374 10.02 -16.59 10.97
C ASN D 374 11.50 -16.91 10.82
N ALA E 7 -17.05 15.26 45.55
CA ALA E 7 -16.71 14.16 44.65
C ALA E 7 -15.28 13.70 44.88
N SER E 8 -14.40 14.66 45.17
CA SER E 8 -13.00 14.34 45.47
C SER E 8 -12.88 13.59 46.79
N ILE E 9 -13.81 13.81 47.73
CA ILE E 9 -13.80 13.05 48.98
C ILE E 9 -14.17 11.60 48.73
N ALA E 10 -15.22 11.37 47.93
CA ALA E 10 -15.61 10.01 47.55
C ALA E 10 -14.50 9.32 46.76
N GLN E 11 -13.81 10.06 45.89
CA GLN E 11 -12.70 9.49 45.14
C GLN E 11 -11.54 9.14 46.06
N ALA E 12 -11.25 9.99 47.06
CA ALA E 12 -10.22 9.65 48.04
C ALA E 12 -10.60 8.42 48.85
N ARG E 13 -11.89 8.29 49.20
CA ARG E 13 -12.39 7.09 49.88
C ARG E 13 -12.17 5.83 49.04
N LYS E 14 -12.48 5.92 47.73
CA LYS E 14 -12.28 4.78 46.84
C LYS E 14 -10.80 4.44 46.69
N LEU E 15 -9.93 5.46 46.61
CA LEU E 15 -8.50 5.20 46.51
C LEU E 15 -7.95 4.56 47.78
N VAL E 16 -8.42 5.02 48.96
CA VAL E 16 -8.00 4.46 50.24
C VAL E 16 -8.43 3.00 50.34
N GLU E 17 -9.68 2.70 49.95
CA GLU E 17 -10.16 1.32 50.00
C GLU E 17 -9.45 0.43 49.00
N GLN E 18 -9.09 0.97 47.82
CA GLN E 18 -8.31 0.22 46.85
C GLN E 18 -6.91 -0.09 47.38
N LEU E 19 -6.27 0.88 48.03
CA LEU E 19 -4.96 0.65 48.62
C LEU E 19 -5.02 -0.35 49.77
N LYS E 20 -6.11 -0.31 50.56
CA LYS E 20 -6.33 -1.32 51.59
C LYS E 20 -6.45 -2.72 50.99
N MET E 21 -7.21 -2.85 49.90
CA MET E 21 -7.39 -4.15 49.25
C MET E 21 -6.09 -4.65 48.63
N GLU E 22 -5.28 -3.75 48.05
CA GLU E 22 -4.03 -4.15 47.41
C GLU E 22 -2.90 -4.39 48.41
N ALA E 23 -2.91 -3.70 49.55
CA ALA E 23 -1.86 -3.88 50.55
C ALA E 23 -1.95 -5.25 51.24
N ASN E 24 -3.17 -5.69 51.57
CA ASN E 24 -3.36 -6.91 52.36
C ASN E 24 -3.45 -8.12 51.44
N ILE E 25 -2.33 -8.42 50.79
CA ILE E 25 -2.18 -9.57 49.91
C ILE E 25 -0.95 -10.35 50.33
N ASP E 26 -0.90 -11.61 49.89
CA ASP E 26 0.26 -12.47 50.10
C ASP E 26 1.24 -12.33 48.94
N ARG E 27 2.47 -11.94 49.24
CA ARG E 27 3.50 -11.75 48.24
C ARG E 27 4.56 -12.84 48.35
N ILE E 28 4.98 -13.37 47.20
CA ILE E 28 5.94 -14.46 47.16
C ILE E 28 7.33 -13.87 47.04
N LYS E 29 8.33 -14.63 47.49
CA LYS E 29 9.73 -14.30 47.25
C LYS E 29 10.01 -14.09 45.77
N VAL E 30 10.66 -12.97 45.45
CA VAL E 30 10.84 -12.53 44.07
C VAL E 30 11.74 -13.50 43.30
N SER E 31 12.85 -13.93 43.93
CA SER E 31 13.76 -14.88 43.30
C SER E 31 13.09 -16.23 43.02
N LYS E 32 12.12 -16.62 43.84
CA LYS E 32 11.41 -17.88 43.62
C LYS E 32 10.50 -17.78 42.40
N ALA E 33 9.76 -16.67 42.28
CA ALA E 33 8.93 -16.44 41.10
C ALA E 33 9.79 -16.31 39.85
N ALA E 34 10.94 -15.65 39.95
CA ALA E 34 11.85 -15.53 38.82
C ALA E 34 12.39 -16.89 38.39
N ALA E 35 12.71 -17.75 39.36
CA ALA E 35 13.12 -19.11 39.05
C ALA E 35 11.99 -19.91 38.41
N ASP E 36 10.75 -19.65 38.83
CA ASP E 36 9.60 -20.32 38.21
C ASP E 36 9.42 -19.90 36.75
N LEU E 37 9.62 -18.61 36.47
CA LEU E 37 9.58 -18.13 35.08
C LEU E 37 10.73 -18.70 34.26
N MET E 38 11.93 -18.80 34.85
CA MET E 38 13.06 -19.45 34.18
C MET E 38 12.75 -20.91 33.86
N ALA E 39 12.19 -21.64 34.84
CA ALA E 39 11.81 -23.03 34.62
C ALA E 39 10.74 -23.18 33.53
N TYR E 40 9.78 -22.23 33.50
CA TYR E 40 8.79 -22.21 32.43
C TYR E 40 9.42 -22.03 31.06
N CYS E 41 10.35 -21.05 30.95
CA CYS E 41 11.06 -20.81 29.70
C CYS E 41 11.90 -22.01 29.26
N GLU E 42 12.54 -22.68 30.23
CA GLU E 42 13.34 -23.86 29.94
C GLU E 42 12.48 -25.04 29.48
N ALA E 43 11.39 -25.31 30.21
CA ALA E 43 10.52 -26.46 29.92
C ALA E 43 9.87 -26.36 28.54
N HIS E 44 9.54 -25.15 28.10
CA HIS E 44 8.85 -24.94 26.83
C HIS E 44 9.79 -24.49 25.71
N ALA E 45 11.11 -24.57 25.93
CA ALA E 45 12.08 -24.16 24.92
C ALA E 45 11.97 -25.00 23.65
N LYS E 46 11.74 -26.31 23.80
CA LYS E 46 11.59 -27.20 22.65
C LYS E 46 10.28 -26.99 21.91
N GLU E 47 9.32 -26.31 22.53
CA GLU E 47 8.02 -26.04 21.93
C GLU E 47 7.96 -24.67 21.26
N ASP E 48 9.06 -23.92 21.27
CA ASP E 48 9.12 -22.54 20.78
C ASP E 48 9.80 -22.54 19.41
N PRO E 49 9.05 -22.40 18.32
CA PRO E 49 9.67 -22.46 16.98
C PRO E 49 10.38 -21.19 16.56
N LEU E 50 10.41 -20.16 17.41
CA LEU E 50 11.19 -18.96 17.12
C LEU E 50 12.59 -19.04 17.69
N LEU E 51 12.75 -19.66 18.87
CA LEU E 51 14.07 -19.94 19.41
C LEU E 51 14.72 -21.12 18.71
N THR E 52 13.92 -22.13 18.34
CA THR E 52 14.43 -23.33 17.69
C THR E 52 14.06 -23.33 16.22
N PRO E 53 15.05 -23.33 15.32
CA PRO E 53 14.76 -23.33 13.87
C PRO E 53 13.95 -24.55 13.44
N VAL E 54 13.09 -24.34 12.46
CA VAL E 54 12.18 -25.37 11.95
C VAL E 54 12.61 -25.73 10.54
N PRO E 55 12.80 -27.01 10.21
CA PRO E 55 13.19 -27.39 8.85
C PRO E 55 12.04 -27.22 7.87
N ALA E 56 12.40 -27.23 6.57
CA ALA E 56 11.46 -27.00 5.48
C ALA E 56 10.35 -28.03 5.43
N SER E 57 10.62 -29.27 5.87
CA SER E 57 9.60 -30.31 5.82
C SER E 57 8.51 -30.12 6.86
N GLU E 58 8.74 -29.28 7.87
CA GLU E 58 7.79 -29.01 8.93
C GLU E 58 7.21 -27.60 8.88
N ASN E 59 7.97 -26.64 8.38
CA ASN E 59 7.54 -25.26 8.34
C ASN E 59 6.56 -25.06 7.17
N PRO E 60 5.31 -24.63 7.44
CA PRO E 60 4.36 -24.40 6.34
C PRO E 60 4.71 -23.22 5.45
N PHE E 61 5.70 -22.40 5.81
CA PHE E 61 6.13 -21.26 5.03
C PHE E 61 7.28 -21.58 4.09
N ARG E 62 7.77 -22.81 4.09
CA ARG E 62 8.92 -23.18 3.26
C ARG E 62 8.53 -24.20 2.20
N VAL F 1 -33.52 -16.32 2.20
CA VAL F 1 -32.60 -17.15 1.42
C VAL F 1 -33.41 -18.16 0.61
N GLN F 2 -33.73 -17.79 -0.63
CA GLN F 2 -34.54 -18.61 -1.50
C GLN F 2 -33.91 -18.67 -2.88
N LEU F 3 -34.07 -19.82 -3.53
CA LEU F 3 -33.74 -20.02 -4.94
C LEU F 3 -34.96 -20.62 -5.64
N VAL F 4 -35.57 -19.84 -6.53
CA VAL F 4 -36.79 -20.26 -7.22
C VAL F 4 -36.44 -20.48 -8.69
N GLU F 5 -36.59 -21.71 -9.14
CA GLU F 5 -36.13 -22.11 -10.47
C GLU F 5 -37.29 -22.20 -11.44
N SER F 6 -37.01 -21.92 -12.71
CA SER F 6 -38.00 -22.10 -13.76
C SER F 6 -37.29 -22.38 -15.08
N GLY F 7 -38.08 -22.49 -16.14
CA GLY F 7 -37.57 -22.83 -17.46
C GLY F 7 -37.54 -24.30 -17.79
N GLY F 8 -38.26 -25.14 -17.04
CA GLY F 8 -38.31 -26.57 -17.28
C GLY F 8 -39.54 -26.99 -18.06
N GLY F 9 -39.96 -28.24 -17.85
CA GLY F 9 -41.11 -28.79 -18.54
C GLY F 9 -40.72 -29.91 -19.50
N LEU F 10 -41.69 -30.28 -20.32
CA LEU F 10 -41.53 -31.35 -21.31
C LEU F 10 -41.21 -30.73 -22.66
N VAL F 11 -40.11 -31.16 -23.27
CA VAL F 11 -39.67 -30.68 -24.57
C VAL F 11 -39.35 -31.87 -25.47
N GLN F 12 -39.17 -31.57 -26.77
CA GLN F 12 -38.79 -32.46 -27.86
C GLN F 12 -37.28 -32.52 -28.00
N PRO F 13 -36.72 -33.64 -28.43
CA PRO F 13 -35.26 -33.72 -28.63
C PRO F 13 -34.78 -32.81 -29.74
N GLY F 14 -33.61 -32.21 -29.54
CA GLY F 14 -33.05 -31.26 -30.48
C GLY F 14 -33.39 -29.81 -30.20
N GLY F 15 -34.30 -29.53 -29.27
CA GLY F 15 -34.66 -28.17 -28.94
C GLY F 15 -33.69 -27.51 -27.98
N SER F 16 -34.12 -26.38 -27.43
CA SER F 16 -33.30 -25.59 -26.53
C SER F 16 -34.21 -24.96 -25.49
N ARG F 17 -33.69 -24.79 -24.27
CA ARG F 17 -34.42 -24.10 -23.21
C ARG F 17 -33.48 -23.19 -22.43
N LYS F 18 -34.04 -22.10 -21.91
CA LYS F 18 -33.33 -21.18 -21.03
C LYS F 18 -33.87 -21.34 -19.62
N LEU F 19 -33.06 -21.90 -18.73
CA LEU F 19 -33.42 -22.01 -17.32
C LEU F 19 -33.10 -20.72 -16.60
N SER F 20 -33.90 -20.43 -15.56
CA SER F 20 -33.67 -19.29 -14.71
C SER F 20 -33.68 -19.73 -13.26
N CYS F 21 -32.93 -19.00 -12.44
CA CYS F 21 -32.84 -19.23 -11.00
C CYS F 21 -32.87 -17.88 -10.30
N SER F 22 -33.99 -17.56 -9.68
CA SER F 22 -34.19 -16.29 -9.00
C SER F 22 -33.68 -16.44 -7.56
N ALA F 23 -32.70 -15.61 -7.21
CA ALA F 23 -32.07 -15.64 -5.90
C ALA F 23 -32.62 -14.49 -5.05
N SER F 24 -32.93 -14.79 -3.79
CA SER F 24 -33.37 -13.74 -2.89
C SER F 24 -32.88 -14.03 -1.47
N GLY F 25 -32.75 -12.96 -0.69
CA GLY F 25 -32.40 -13.07 0.70
C GLY F 25 -30.92 -13.17 1.02
N PHE F 26 -30.03 -13.09 0.04
CA PHE F 26 -28.60 -13.20 0.31
C PHE F 26 -27.79 -12.42 -0.72
N ALA F 27 -26.49 -12.28 -0.42
CA ALA F 27 -25.55 -11.51 -1.23
C ALA F 27 -25.06 -12.36 -2.41
N PHE F 28 -25.97 -12.52 -3.38
CA PHE F 28 -25.79 -13.39 -4.55
C PHE F 28 -24.49 -13.13 -5.32
N SER F 29 -24.17 -11.85 -5.57
CA SER F 29 -23.06 -11.46 -6.46
C SER F 29 -21.69 -11.95 -5.98
N SER F 30 -21.53 -12.25 -4.70
CA SER F 30 -20.27 -12.72 -4.17
C SER F 30 -20.12 -14.24 -4.23
N PHE F 31 -21.14 -14.95 -4.70
CA PHE F 31 -21.16 -16.42 -4.65
C PHE F 31 -20.80 -17.01 -6.01
N GLY F 32 -20.16 -18.18 -5.97
CA GLY F 32 -20.14 -19.06 -7.13
C GLY F 32 -21.39 -19.91 -7.23
N MET F 33 -21.78 -20.23 -8.45
CA MET F 33 -23.04 -20.92 -8.73
C MET F 33 -22.79 -22.21 -9.50
N HIS F 34 -23.56 -23.23 -9.15
CA HIS F 34 -23.56 -24.54 -9.81
C HIS F 34 -24.93 -24.87 -10.39
N TRP F 35 -24.90 -25.60 -11.51
CA TRP F 35 -26.04 -26.37 -11.99
C TRP F 35 -25.70 -27.84 -11.80
N VAL F 36 -26.65 -28.59 -11.21
CA VAL F 36 -26.51 -30.03 -10.94
C VAL F 36 -27.73 -30.74 -11.49
N ARG F 37 -27.55 -31.94 -12.06
CA ARG F 37 -28.65 -32.72 -12.60
C ARG F 37 -28.75 -34.10 -11.94
N GLN F 38 -29.95 -34.66 -11.96
CA GLN F 38 -30.20 -35.97 -11.36
C GLN F 38 -31.25 -36.70 -12.17
N ALA F 39 -30.90 -37.84 -12.77
CA ALA F 39 -31.90 -38.67 -13.44
C ALA F 39 -32.77 -39.39 -12.41
N PRO F 40 -34.04 -39.70 -12.78
CA PRO F 40 -34.94 -40.40 -11.84
C PRO F 40 -34.43 -41.73 -11.28
N GLU F 41 -33.72 -42.51 -12.08
CA GLU F 41 -33.22 -43.81 -11.63
C GLU F 41 -31.75 -43.76 -11.24
N LYS F 42 -31.14 -42.59 -11.27
CA LYS F 42 -29.73 -42.38 -11.02
C LYS F 42 -29.58 -41.41 -9.86
N GLY F 43 -28.34 -41.23 -9.41
CA GLY F 43 -28.02 -40.20 -8.44
C GLY F 43 -27.72 -38.89 -9.14
N LEU F 44 -27.21 -37.95 -8.35
CA LEU F 44 -26.92 -36.61 -8.86
C LEU F 44 -25.72 -36.63 -9.80
N GLU F 45 -25.81 -35.84 -10.87
CA GLU F 45 -24.71 -35.64 -11.80
C GLU F 45 -24.44 -34.14 -11.92
N TRP F 46 -23.20 -33.73 -11.65
CA TRP F 46 -22.82 -32.33 -11.72
C TRP F 46 -22.72 -31.86 -13.18
N VAL F 47 -23.25 -30.67 -13.44
CA VAL F 47 -23.28 -30.11 -14.79
C VAL F 47 -22.26 -28.98 -14.97
N ALA F 48 -22.37 -27.89 -14.19
CA ALA F 48 -21.50 -26.75 -14.50
C ALA F 48 -21.31 -25.82 -13.31
N TYR F 49 -20.20 -25.06 -13.36
CA TYR F 49 -19.85 -24.06 -12.36
C TYR F 49 -19.47 -22.73 -13.01
N ILE F 50 -19.96 -21.62 -12.43
CA ILE F 50 -19.52 -20.28 -12.77
C ILE F 50 -19.10 -19.57 -11.48
N SER F 51 -17.93 -18.94 -11.52
CA SER F 51 -17.43 -18.24 -10.34
C SER F 51 -18.10 -16.88 -10.19
N SER F 52 -17.96 -16.33 -8.98
CA SER F 52 -18.37 -14.95 -8.71
C SER F 52 -17.60 -13.97 -9.58
N GLY F 53 -18.34 -13.06 -10.22
CA GLY F 53 -17.75 -12.13 -11.17
C GLY F 53 -17.47 -12.71 -12.54
N SER F 54 -17.83 -13.97 -12.77
CA SER F 54 -17.60 -14.71 -14.03
C SER F 54 -16.12 -14.77 -14.40
N GLY F 55 -15.25 -14.81 -13.39
CA GLY F 55 -13.81 -14.88 -13.65
C GLY F 55 -13.39 -16.18 -14.30
N THR F 56 -14.04 -17.29 -13.94
CA THR F 56 -13.74 -18.59 -14.51
C THR F 56 -15.02 -19.40 -14.61
N ILE F 57 -15.06 -20.30 -15.60
CA ILE F 57 -16.21 -21.16 -15.86
C ILE F 57 -15.68 -22.58 -16.06
N TYR F 58 -16.36 -23.56 -15.46
CA TYR F 58 -15.99 -24.96 -15.67
C TYR F 58 -17.21 -25.76 -16.11
N TYR F 59 -16.96 -26.74 -16.98
CA TYR F 59 -17.96 -27.64 -17.52
C TYR F 59 -17.53 -29.08 -17.32
N ALA F 60 -18.51 -29.96 -17.16
CA ALA F 60 -18.27 -31.39 -17.22
C ALA F 60 -17.93 -31.80 -18.66
N ASP F 61 -17.29 -32.97 -18.78
CA ASP F 61 -16.84 -33.46 -20.09
C ASP F 61 -17.99 -33.74 -21.04
N THR F 62 -19.14 -34.14 -20.51
CA THR F 62 -20.34 -34.38 -21.30
C THR F 62 -21.21 -33.13 -21.45
N VAL F 63 -20.76 -31.99 -20.94
CA VAL F 63 -21.53 -30.75 -20.93
C VAL F 63 -20.91 -29.69 -21.84
N LYS F 64 -19.58 -29.59 -21.82
CA LYS F 64 -18.81 -28.61 -22.59
C LYS F 64 -19.14 -28.60 -24.08
N GLY F 65 -19.34 -27.41 -24.63
CA GLY F 65 -19.64 -27.24 -26.04
C GLY F 65 -21.11 -27.22 -26.38
N ARG F 66 -21.99 -27.58 -25.44
CA ARG F 66 -23.43 -27.58 -25.67
C ARG F 66 -24.20 -26.65 -24.74
N PHE F 67 -23.86 -26.58 -23.46
CA PHE F 67 -24.59 -25.77 -22.49
C PHE F 67 -23.79 -24.53 -22.16
N THR F 68 -24.49 -23.40 -21.95
CA THR F 68 -23.86 -22.14 -21.58
C THR F 68 -24.43 -21.63 -20.27
N ILE F 69 -23.55 -21.38 -19.30
CA ILE F 69 -23.93 -20.87 -17.99
C ILE F 69 -23.66 -19.38 -17.92
N SER F 70 -24.60 -18.62 -17.35
CA SER F 70 -24.42 -17.17 -17.25
C SER F 70 -25.13 -16.67 -16.00
N ARG F 71 -24.81 -15.43 -15.60
CA ARG F 71 -25.41 -14.84 -14.41
C ARG F 71 -25.64 -13.35 -14.62
N ASP F 72 -26.62 -12.82 -13.89
CA ASP F 72 -26.93 -11.39 -13.89
C ASP F 72 -26.97 -10.96 -12.42
N ASP F 73 -25.86 -10.38 -11.95
CA ASP F 73 -25.74 -9.93 -10.57
C ASP F 73 -26.72 -8.82 -10.15
N PRO F 74 -26.94 -7.71 -10.91
CA PRO F 74 -27.87 -6.69 -10.42
C PRO F 74 -29.33 -7.13 -10.32
N LYS F 75 -29.75 -8.15 -11.07
CA LYS F 75 -31.07 -8.72 -10.87
C LYS F 75 -31.04 -10.02 -10.06
N ASN F 76 -29.84 -10.42 -9.60
CA ASN F 76 -29.61 -11.62 -8.78
C ASN F 76 -30.23 -12.88 -9.40
N THR F 77 -30.02 -13.07 -10.70
CA THR F 77 -30.62 -14.20 -11.40
C THR F 77 -29.58 -15.00 -12.17
N LEU F 78 -29.61 -16.31 -12.03
CA LEU F 78 -28.74 -17.22 -12.77
C LEU F 78 -29.46 -17.77 -13.99
N PHE F 79 -28.75 -17.91 -15.10
CA PHE F 79 -29.31 -18.39 -16.35
C PHE F 79 -28.52 -19.60 -16.83
N LEU F 80 -29.21 -20.48 -17.55
CA LEU F 80 -28.55 -21.59 -18.25
C LEU F 80 -29.21 -21.82 -19.60
N GLN F 81 -28.46 -21.66 -20.68
CA GLN F 81 -28.95 -21.83 -22.03
C GLN F 81 -28.52 -23.20 -22.52
N MET F 82 -29.48 -24.10 -22.71
CA MET F 82 -29.21 -25.49 -23.06
C MET F 82 -29.73 -25.77 -24.45
N THR F 83 -28.83 -26.11 -25.37
CA THR F 83 -29.16 -26.46 -26.74
C THR F 83 -28.83 -27.92 -26.99
N SER F 84 -29.32 -28.42 -28.15
CA SER F 84 -29.12 -29.79 -28.62
C SER F 84 -29.53 -30.82 -27.56
N LEU F 85 -30.72 -30.61 -26.98
CA LEU F 85 -31.20 -31.45 -25.88
C LEU F 85 -31.45 -32.88 -26.35
N ARG F 86 -30.95 -33.83 -25.55
CA ARG F 86 -31.10 -35.25 -25.82
C ARG F 86 -32.00 -35.90 -24.78
N SER F 87 -32.47 -37.11 -25.11
CA SER F 87 -33.26 -37.92 -24.17
C SER F 87 -32.48 -38.23 -22.89
N GLU F 88 -31.15 -38.36 -22.99
CA GLU F 88 -30.32 -38.60 -21.81
C GLU F 88 -30.28 -37.41 -20.86
N ASP F 89 -30.69 -36.23 -21.30
CA ASP F 89 -30.63 -35.02 -20.48
C ASP F 89 -31.89 -34.79 -19.65
N THR F 90 -32.84 -35.71 -19.68
CA THR F 90 -34.01 -35.63 -18.80
C THR F 90 -33.56 -35.81 -17.36
N ALA F 91 -33.86 -34.83 -16.50
CA ALA F 91 -33.37 -34.83 -15.13
C ALA F 91 -34.06 -33.75 -14.30
N MET F 92 -33.94 -33.91 -12.99
CA MET F 92 -34.19 -32.84 -12.03
C MET F 92 -32.95 -31.97 -11.91
N TYR F 93 -33.11 -30.67 -12.11
CA TYR F 93 -32.03 -29.70 -12.13
C TYR F 93 -32.06 -28.89 -10.84
N TYR F 94 -30.86 -28.57 -10.33
CA TYR F 94 -30.67 -27.86 -9.08
C TYR F 94 -29.74 -26.67 -9.29
N CYS F 95 -30.14 -25.54 -8.70
CA CYS F 95 -29.35 -24.31 -8.64
C CYS F 95 -28.68 -24.26 -7.28
N VAL F 96 -27.34 -24.18 -7.27
CA VAL F 96 -26.57 -24.34 -6.04
C VAL F 96 -25.67 -23.13 -5.85
N ARG F 97 -25.53 -22.67 -4.61
CA ARG F 97 -24.64 -21.56 -4.30
C ARG F 97 -23.50 -22.07 -3.43
N SER F 98 -22.33 -21.45 -3.58
CA SER F 98 -21.14 -21.87 -2.85
C SER F 98 -20.16 -20.72 -2.68
N ILE F 99 -19.37 -20.78 -1.60
CA ILE F 99 -18.22 -19.90 -1.40
C ILE F 99 -17.02 -20.79 -1.13
N TYR F 100 -15.89 -20.50 -1.75
CA TYR F 100 -14.68 -21.28 -1.55
C TYR F 100 -13.61 -20.43 -0.87
N TYR F 101 -13.29 -20.77 0.39
CA TYR F 101 -12.12 -20.26 1.11
C TYR F 101 -11.93 -21.14 2.35
N TYR F 102 -10.76 -20.99 2.99
CA TYR F 102 -10.42 -21.71 4.21
C TYR F 102 -11.45 -21.46 5.32
N GLY F 103 -12.15 -22.50 5.73
CA GLY F 103 -13.13 -22.39 6.80
C GLY F 103 -14.53 -22.06 6.34
N SER F 104 -14.74 -21.88 5.04
CA SER F 104 -16.07 -21.60 4.51
C SER F 104 -16.90 -22.88 4.51
N SER F 105 -18.22 -22.70 4.35
CA SER F 105 -19.16 -23.82 4.34
C SER F 105 -19.91 -23.82 3.02
N PRO F 106 -19.28 -24.28 1.94
CA PRO F 106 -19.95 -24.29 0.63
C PRO F 106 -21.01 -25.38 0.58
N PHE F 107 -21.93 -25.21 -0.38
CA PHE F 107 -23.05 -26.13 -0.63
C PHE F 107 -24.03 -26.19 0.55
N ASP F 108 -24.13 -25.10 1.31
CA ASP F 108 -24.95 -25.10 2.51
C ASP F 108 -26.41 -24.80 2.22
N PHE F 109 -26.77 -24.57 0.96
CA PHE F 109 -28.15 -24.31 0.58
C PHE F 109 -28.34 -24.79 -0.85
N TRP F 110 -29.33 -25.65 -1.04
CA TRP F 110 -29.68 -26.22 -2.33
C TRP F 110 -31.06 -25.72 -2.72
N GLY F 111 -31.27 -25.45 -4.01
CA GLY F 111 -32.52 -24.87 -4.45
C GLY F 111 -33.68 -25.85 -4.53
N GLN F 112 -34.84 -25.32 -4.94
CA GLN F 112 -36.07 -26.09 -5.01
C GLN F 112 -36.02 -27.19 -6.07
N GLY F 113 -35.34 -26.95 -7.19
CA GLY F 113 -35.27 -27.93 -8.25
C GLY F 113 -36.34 -27.72 -9.30
N THR F 114 -36.05 -28.19 -10.51
CA THR F 114 -37.00 -28.13 -11.62
C THR F 114 -36.87 -29.39 -12.45
N THR F 115 -37.96 -29.80 -13.09
CA THR F 115 -37.98 -31.04 -13.86
C THR F 115 -37.90 -30.72 -15.34
N LEU F 116 -36.95 -31.35 -16.04
CA LEU F 116 -36.85 -31.25 -17.50
C LEU F 116 -36.99 -32.65 -18.06
N THR F 117 -37.98 -32.84 -18.93
CA THR F 117 -38.27 -34.12 -19.56
C THR F 117 -38.12 -33.96 -21.06
N VAL F 118 -37.37 -34.87 -21.68
CA VAL F 118 -37.13 -34.85 -23.12
C VAL F 118 -37.73 -36.12 -23.70
N SER F 119 -38.62 -35.97 -24.68
CA SER F 119 -39.28 -37.10 -25.32
C SER F 119 -38.32 -37.95 -26.14
N SER F 135 -12.94 -40.75 -18.46
CA SER F 135 -11.67 -41.44 -18.73
C SER F 135 -10.71 -41.26 -17.57
N ALA F 136 -10.11 -40.06 -17.47
CA ALA F 136 -9.17 -39.74 -16.40
C ALA F 136 -9.84 -39.22 -15.15
N ASP F 137 -11.17 -39.11 -15.15
CA ASP F 137 -11.90 -38.56 -14.00
C ASP F 137 -11.82 -39.51 -12.81
N ILE F 138 -11.96 -38.93 -11.62
CA ILE F 138 -11.97 -39.70 -10.38
C ILE F 138 -13.36 -40.32 -10.20
N VAL F 139 -13.40 -41.64 -10.03
CA VAL F 139 -14.64 -42.39 -9.87
C VAL F 139 -14.88 -42.62 -8.39
N MET F 140 -16.10 -42.34 -7.93
CA MET F 140 -16.50 -42.54 -6.54
C MET F 140 -17.41 -43.77 -6.48
N THR F 141 -17.01 -44.75 -5.68
CA THR F 141 -17.67 -46.06 -5.65
C THR F 141 -18.37 -46.25 -4.30
N GLN F 142 -19.66 -46.52 -4.34
CA GLN F 142 -20.46 -46.89 -3.17
C GLN F 142 -21.21 -48.17 -3.53
N ALA F 143 -20.58 -49.31 -3.25
CA ALA F 143 -21.06 -50.61 -3.73
C ALA F 143 -22.43 -50.98 -3.15
N THR F 144 -22.74 -50.55 -1.94
CA THR F 144 -23.99 -50.92 -1.29
C THR F 144 -25.07 -49.93 -1.71
N SER F 145 -26.17 -50.46 -2.26
CA SER F 145 -27.25 -49.61 -2.73
C SER F 145 -28.15 -49.11 -1.60
N SER F 146 -28.35 -49.92 -0.56
CA SER F 146 -29.17 -49.51 0.59
C SER F 146 -28.84 -50.38 1.79
N VAL F 147 -29.07 -49.83 2.98
CA VAL F 147 -28.90 -50.55 4.23
C VAL F 147 -30.18 -50.39 5.05
N PRO F 148 -30.86 -51.48 5.43
CA PRO F 148 -31.96 -51.35 6.41
C PRO F 148 -31.41 -51.03 7.79
N VAL F 149 -32.03 -50.05 8.44
CA VAL F 149 -31.55 -49.55 9.73
C VAL F 149 -32.69 -49.55 10.75
N THR F 150 -32.31 -49.34 12.01
CA THR F 150 -33.24 -49.21 13.12
C THR F 150 -32.85 -47.95 13.88
N PRO F 151 -33.81 -47.09 14.24
CA PRO F 151 -33.51 -45.89 15.04
C PRO F 151 -32.82 -46.19 16.37
N GLY F 152 -31.79 -45.40 16.67
CA GLY F 152 -30.98 -45.57 17.86
C GLY F 152 -29.69 -46.36 17.64
N GLU F 153 -29.55 -47.05 16.52
CA GLU F 153 -28.35 -47.82 16.24
C GLU F 153 -27.32 -46.98 15.50
N SER F 154 -26.06 -47.42 15.57
CA SER F 154 -25.01 -46.77 14.80
C SER F 154 -24.97 -47.35 13.39
N VAL F 155 -24.42 -46.55 12.47
CA VAL F 155 -24.28 -46.95 11.07
C VAL F 155 -22.87 -46.55 10.62
N SER F 156 -22.21 -47.41 9.85
CA SER F 156 -20.92 -47.14 9.23
C SER F 156 -21.04 -47.37 7.74
N ILE F 157 -20.96 -46.29 6.96
CA ILE F 157 -21.08 -46.34 5.50
C ILE F 157 -19.75 -45.96 4.87
N SER F 158 -19.19 -46.86 4.07
CA SER F 158 -17.89 -46.65 3.45
C SER F 158 -18.02 -45.98 2.09
N CYS F 159 -16.91 -45.40 1.64
CA CYS F 159 -16.79 -44.82 0.30
C CYS F 159 -15.34 -44.95 -0.16
N ARG F 160 -15.15 -45.21 -1.45
CA ARG F 160 -13.83 -45.31 -2.03
C ARG F 160 -13.64 -44.29 -3.15
N SER F 161 -12.40 -43.82 -3.28
CA SER F 161 -11.99 -42.93 -4.36
C SER F 161 -10.93 -43.63 -5.20
N SER F 162 -10.98 -43.41 -6.52
CA SER F 162 -9.97 -43.98 -7.42
C SER F 162 -8.60 -43.35 -7.23
N LYS F 163 -8.54 -42.08 -6.85
CA LYS F 163 -7.30 -41.39 -6.57
C LYS F 163 -7.22 -41.00 -5.10
N SER F 164 -6.00 -40.80 -4.62
CA SER F 164 -5.82 -40.17 -3.32
C SER F 164 -6.31 -38.73 -3.35
N LEU F 165 -7.10 -38.35 -2.35
CA LEU F 165 -7.62 -37.01 -2.20
C LEU F 165 -6.84 -36.16 -1.22
N LEU F 166 -5.68 -36.64 -0.74
CA LEU F 166 -4.87 -35.90 0.21
C LEU F 166 -3.91 -34.98 -0.53
N HIS F 167 -4.15 -33.67 -0.42
CA HIS F 167 -3.33 -32.64 -1.03
C HIS F 167 -2.19 -32.28 -0.08
N SER F 168 -1.12 -31.72 -0.65
CA SER F 168 0.07 -31.32 0.12
C SER F 168 -0.19 -30.30 1.23
N ASN F 169 -1.32 -29.58 1.20
CA ASN F 169 -1.66 -28.69 2.31
C ASN F 169 -2.28 -29.41 3.50
N GLY F 170 -2.49 -30.71 3.42
CA GLY F 170 -2.96 -31.49 4.55
C GLY F 170 -4.45 -31.80 4.53
N ASN F 171 -5.22 -31.11 3.69
CA ASN F 171 -6.66 -31.29 3.64
C ASN F 171 -7.04 -32.39 2.64
N THR F 172 -8.08 -33.14 2.99
CA THR F 172 -8.67 -34.17 2.13
C THR F 172 -10.07 -33.72 1.71
N TYR F 173 -10.26 -33.47 0.42
CA TYR F 173 -11.42 -32.75 -0.08
C TYR F 173 -12.56 -33.73 -0.38
N LEU F 174 -13.11 -34.28 0.69
CA LEU F 174 -14.32 -35.11 0.63
C LEU F 174 -15.48 -34.36 1.27
N TYR F 175 -16.65 -34.45 0.64
CA TYR F 175 -17.89 -33.91 1.20
C TYR F 175 -18.92 -35.04 1.29
N TRP F 176 -19.79 -34.95 2.29
CA TRP F 176 -20.93 -35.85 2.45
C TRP F 176 -22.23 -35.06 2.42
N PHE F 177 -23.22 -35.62 1.71
CA PHE F 177 -24.55 -35.02 1.52
C PHE F 177 -25.65 -36.01 1.92
N LEU F 178 -26.80 -35.45 2.31
CA LEU F 178 -28.05 -36.17 2.53
C LEU F 178 -29.14 -35.62 1.63
N GLN F 179 -29.77 -36.50 0.84
CA GLN F 179 -30.93 -36.17 0.02
C GLN F 179 -32.13 -36.92 0.59
N ARG F 180 -32.99 -36.22 1.32
CA ARG F 180 -34.19 -36.86 1.85
C ARG F 180 -35.22 -37.07 0.74
N PRO F 181 -36.11 -38.06 0.90
CA PRO F 181 -37.20 -38.27 -0.08
C PRO F 181 -38.08 -37.05 -0.29
N GLY F 182 -38.17 -36.60 -1.54
CA GLY F 182 -38.97 -35.44 -1.87
C GLY F 182 -38.36 -34.10 -1.51
N GLN F 183 -37.14 -34.10 -0.99
CA GLN F 183 -36.46 -32.89 -0.56
C GLN F 183 -35.19 -32.69 -1.37
N SER F 184 -34.74 -31.44 -1.43
CA SER F 184 -33.46 -31.14 -2.03
C SER F 184 -32.34 -31.66 -1.12
N PRO F 185 -31.17 -32.00 -1.70
CA PRO F 185 -30.04 -32.46 -0.87
C PRO F 185 -29.60 -31.44 0.18
N GLN F 186 -29.23 -31.94 1.35
CA GLN F 186 -28.72 -31.12 2.42
C GLN F 186 -27.27 -31.51 2.72
N LEU F 187 -26.42 -30.50 2.92
CA LEU F 187 -25.03 -30.73 3.26
C LEU F 187 -24.92 -31.37 4.63
N LEU F 188 -24.13 -32.45 4.73
CA LEU F 188 -23.84 -33.05 6.02
C LEU F 188 -22.47 -32.67 6.55
N ILE F 189 -21.41 -33.01 5.82
CA ILE F 189 -20.04 -32.84 6.32
C ILE F 189 -19.18 -32.31 5.18
N TYR F 190 -18.27 -31.37 5.49
CA TYR F 190 -17.26 -30.99 4.52
C TYR F 190 -15.86 -31.14 5.11
N ARG F 191 -14.94 -31.63 4.26
CA ARG F 191 -13.52 -31.87 4.54
C ARG F 191 -13.29 -32.79 5.76
N MET F 192 -14.25 -33.67 6.04
CA MET F 192 -14.25 -34.67 7.11
C MET F 192 -13.77 -34.22 8.49
N SER F 193 -13.98 -32.96 8.86
CA SER F 193 -13.64 -32.54 10.22
C SER F 193 -14.58 -31.46 10.72
N ASN F 194 -15.16 -30.71 9.79
CA ASN F 194 -15.94 -29.52 10.10
C ASN F 194 -17.40 -29.82 9.82
N LEU F 195 -18.21 -29.86 10.88
CA LEU F 195 -19.63 -30.13 10.74
C LEU F 195 -20.37 -28.91 10.23
N ALA F 196 -21.27 -29.13 9.28
CA ALA F 196 -22.05 -28.05 8.69
C ALA F 196 -23.01 -27.45 9.70
N SER F 197 -23.24 -26.13 9.57
CA SER F 197 -24.19 -25.42 10.41
C SER F 197 -25.60 -25.98 10.23
N GLY F 198 -26.30 -26.15 11.36
CA GLY F 198 -27.64 -26.69 11.35
C GLY F 198 -27.72 -28.20 11.40
N VAL F 199 -26.58 -28.89 11.28
CA VAL F 199 -26.54 -30.35 11.31
C VAL F 199 -26.17 -30.79 12.73
N PRO F 200 -26.89 -31.74 13.32
CA PRO F 200 -26.57 -32.18 14.68
C PRO F 200 -25.26 -32.96 14.76
N ASP F 201 -24.69 -32.96 15.95
CA ASP F 201 -23.35 -33.50 16.22
C ASP F 201 -23.27 -35.03 16.17
N ARG F 202 -24.38 -35.74 15.97
CA ARG F 202 -24.33 -37.20 15.86
C ARG F 202 -23.69 -37.70 14.57
N PHE F 203 -23.45 -36.85 13.59
CA PHE F 203 -22.81 -37.26 12.33
C PHE F 203 -21.32 -37.02 12.42
N SER F 204 -20.53 -37.97 11.94
CA SER F 204 -19.08 -37.78 11.89
C SER F 204 -18.50 -38.57 10.73
N GLY F 205 -17.25 -38.24 10.39
CA GLY F 205 -16.56 -38.93 9.31
C GLY F 205 -15.11 -39.14 9.68
N SER F 206 -14.50 -40.11 8.99
CA SER F 206 -13.10 -40.43 9.22
C SER F 206 -12.58 -41.24 8.04
N GLY F 207 -11.27 -41.45 8.02
CA GLY F 207 -10.68 -42.35 7.06
C GLY F 207 -9.31 -41.90 6.63
N SER F 208 -8.80 -42.60 5.62
CA SER F 208 -7.49 -42.38 5.02
C SER F 208 -7.68 -41.54 3.76
N GLY F 209 -6.64 -41.48 2.92
CA GLY F 209 -6.72 -40.71 1.69
C GLY F 209 -7.61 -41.32 0.62
N THR F 210 -7.90 -42.62 0.73
CA THR F 210 -8.69 -43.33 -0.27
C THR F 210 -9.90 -44.07 0.30
N ALA F 211 -9.90 -44.42 1.58
CA ALA F 211 -10.93 -45.23 2.21
C ALA F 211 -11.65 -44.38 3.24
N PHE F 212 -12.95 -44.16 3.04
CA PHE F 212 -13.73 -43.17 3.78
C PHE F 212 -14.82 -43.88 4.56
N THR F 213 -15.14 -43.34 5.74
CA THR F 213 -16.24 -43.84 6.55
C THR F 213 -17.09 -42.68 7.06
N LEU F 214 -18.41 -42.82 6.93
CA LEU F 214 -19.40 -41.99 7.60
C LEU F 214 -19.97 -42.76 8.78
N THR F 215 -19.83 -42.21 9.99
CA THR F 215 -20.30 -42.82 11.23
C THR F 215 -21.50 -42.03 11.73
N ILE F 216 -22.59 -42.74 12.02
CA ILE F 216 -23.80 -42.15 12.59
C ILE F 216 -24.12 -42.84 13.91
N SER F 217 -24.24 -42.05 14.97
CA SER F 217 -24.70 -42.52 16.27
C SER F 217 -26.12 -42.04 16.51
N ARG F 218 -26.89 -42.87 17.24
CA ARG F 218 -28.26 -42.58 17.71
C ARG F 218 -29.18 -42.06 16.61
N LEU F 219 -29.38 -42.91 15.59
CA LEU F 219 -30.10 -42.55 14.37
C LEU F 219 -31.52 -42.05 14.65
N GLU F 220 -31.88 -40.95 14.00
CA GLU F 220 -33.22 -40.37 14.09
C GLU F 220 -34.03 -40.73 12.85
N ALA F 221 -35.35 -40.67 13.01
CA ALA F 221 -36.28 -40.93 11.90
C ALA F 221 -36.07 -39.97 10.73
N GLU F 222 -35.69 -38.72 11.00
CA GLU F 222 -35.46 -37.73 9.94
C GLU F 222 -34.19 -37.98 9.13
N ASP F 223 -33.39 -38.98 9.47
CA ASP F 223 -32.16 -39.30 8.77
C ASP F 223 -32.36 -40.20 7.55
N VAL F 224 -33.60 -40.54 7.22
CA VAL F 224 -33.89 -41.35 6.04
C VAL F 224 -33.56 -40.54 4.79
N GLY F 225 -32.89 -41.18 3.85
CA GLY F 225 -32.49 -40.52 2.62
C GLY F 225 -31.24 -41.14 2.04
N VAL F 226 -30.80 -40.54 0.92
CA VAL F 226 -29.68 -41.04 0.13
C VAL F 226 -28.42 -40.26 0.51
N TYR F 227 -27.34 -40.98 0.81
CA TYR F 227 -26.06 -40.39 1.22
C TYR F 227 -25.06 -40.35 0.08
N TYR F 228 -24.48 -39.17 -0.17
CA TYR F 228 -23.51 -38.98 -1.23
C TYR F 228 -22.13 -38.68 -0.63
N CYS F 229 -21.09 -39.28 -1.21
CA CYS F 229 -19.71 -38.88 -1.01
C CYS F 229 -19.21 -38.22 -2.28
N MET F 230 -18.41 -37.16 -2.14
CA MET F 230 -17.92 -36.43 -3.30
C MET F 230 -16.48 -35.98 -3.12
N GLN F 231 -15.72 -36.00 -4.22
CA GLN F 231 -14.35 -35.53 -4.29
C GLN F 231 -14.29 -34.14 -4.90
N HIS F 232 -13.40 -33.30 -4.37
CA HIS F 232 -13.17 -31.94 -4.88
C HIS F 232 -11.67 -31.69 -5.06
N LEU F 233 -10.93 -32.71 -5.50
CA LEU F 233 -9.52 -32.51 -5.80
C LEU F 233 -9.30 -31.83 -7.15
N GLU F 234 -10.01 -32.28 -8.18
CA GLU F 234 -9.83 -31.68 -9.49
C GLU F 234 -11.16 -31.68 -10.24
N TYR F 235 -11.29 -30.72 -11.15
CA TYR F 235 -12.45 -30.57 -12.04
C TYR F 235 -12.31 -31.48 -13.25
N PRO F 236 -13.40 -32.08 -13.76
CA PRO F 236 -14.81 -32.04 -13.33
C PRO F 236 -15.13 -32.78 -12.03
N LEU F 237 -16.17 -32.31 -11.35
CA LEU F 237 -16.65 -32.92 -10.12
C LEU F 237 -17.52 -34.13 -10.42
N THR F 238 -17.41 -35.15 -9.57
CA THR F 238 -18.09 -36.42 -9.75
C THR F 238 -18.79 -36.77 -8.44
N PHE F 239 -19.91 -37.48 -8.56
CA PHE F 239 -20.72 -37.87 -7.41
C PHE F 239 -20.74 -39.39 -7.28
N GLY F 240 -21.03 -39.86 -6.07
CA GLY F 240 -21.29 -41.27 -5.84
C GLY F 240 -22.67 -41.74 -6.27
N ALA F 241 -22.81 -43.06 -6.33
CA ALA F 241 -24.08 -43.69 -6.68
C ALA F 241 -25.17 -43.38 -5.65
N GLY F 242 -24.81 -43.35 -4.37
CA GLY F 242 -25.78 -43.04 -3.34
C GLY F 242 -26.28 -44.22 -2.55
N THR F 243 -26.24 -44.11 -1.21
CA THR F 243 -26.69 -45.17 -0.31
C THR F 243 -27.90 -44.68 0.48
N LYS F 244 -29.03 -45.38 0.30
CA LYS F 244 -30.28 -45.06 0.96
C LYS F 244 -30.37 -45.78 2.31
N LEU F 245 -30.95 -45.11 3.30
CA LEU F 245 -31.31 -45.74 4.56
C LEU F 245 -32.81 -46.03 4.58
N GLU F 246 -33.15 -47.30 4.78
CA GLU F 246 -34.54 -47.73 4.65
C GLU F 246 -35.13 -48.10 6.00
#